data_7Y1G
#
_entry.id   7Y1G
#
_cell.length_a   92.221
_cell.length_b   87.630
_cell.length_c   113.476
_cell.angle_alpha   90.000
_cell.angle_beta   106.720
_cell.angle_gamma   90.000
#
_symmetry.space_group_name_H-M   'C 1 2 1'
#
loop_
_entity.id
_entity.type
_entity.pdbx_description
1 polymer 'cAMP-dependent protein kinase catalytic subunit alpha'
2 non-polymer 1-chloranyl-~{N}-[(~{S})-(3-chloranyl-4-cyano-phenyl)-[(2~{R},4~{S})-4-oxidanylpyrrolidin-2-yl]methyl]-7-methoxy-isoquinoline-6-carboxamide
3 non-polymer 'ZINC ION'
4 water water
#
_entity_poly.entity_id   1
_entity_poly.type   'polypeptide(L)'
_entity_poly.pdbx_seq_one_letter_code
;MGNAAAAKKGSEQESVKEFLAKAKEDFLKKWESPAQNTAHLDQFERIKTLGTGSFGRVMLVKHKETGNHYAMKILDKQKV
VKLKQIEHTLNEKRILQAVNFPFLVKLEFSFKDNSNLYMVMEYVPGGEMFSHLRRIGRFSEPHARFYAAQIVLTFEYLHS
LDLIYRDLKPENLLIDQQGYIQVTDFGFAKRVKGRTW(TPO)LCGTPEYLAPEIILSKGYNKAVDWWALGVLIYEMAAGY
PPFFADQPIQIYEKIVSGKVRFPSHFSSDLKDLLRNLLQVDLTKRFGNLKNGVNDIKNHKWFATTDWIAIYQRKVEAPFI
PKFKGPGDTSNFDDYEEEEIRV(SEP)INEKCGKEFSEF
;
_entity_poly.pdbx_strand_id   A,B
#
loop_
_chem_comp.id
_chem_comp.type
_chem_comp.name
_chem_comp.formula
I5G non-polymer 1-chloranyl-~{N}-[(~{S})-(3-chloranyl-4-cyano-phenyl)-[(2~{R},4~{S})-4-oxidanylpyrrolidin-2-yl]methyl]-7-methoxy-isoquinoline-6-carboxamide 'C23 H20 Cl2 N4 O3'
ZN non-polymer 'ZINC ION' 'Zn 2'
#
# COMPACT_ATOMS: atom_id res chain seq x y z
N VAL A 16 -18.66 33.10 18.72
CA VAL A 16 -18.82 31.80 17.99
C VAL A 16 -18.99 30.65 19.00
N LYS A 17 -18.18 30.68 20.07
CA LYS A 17 -17.93 29.52 20.92
C LYS A 17 -19.09 29.22 21.87
N GLU A 18 -20.28 29.78 21.60
CA GLU A 18 -21.51 29.39 22.29
C GLU A 18 -22.01 28.09 21.67
N PHE A 19 -21.48 27.81 20.48
CA PHE A 19 -21.64 26.55 19.76
C PHE A 19 -20.91 25.43 20.51
N LEU A 20 -19.58 25.59 20.63
CA LEU A 20 -18.68 24.55 21.15
C LEU A 20 -18.91 24.27 22.64
N ALA A 21 -19.70 25.13 23.33
CA ALA A 21 -20.05 24.93 24.72
C ALA A 21 -21.28 24.04 24.87
N LYS A 22 -22.28 24.20 23.98
CA LYS A 22 -23.48 23.38 24.05
C LYS A 22 -23.21 22.02 23.44
N ALA A 23 -22.30 21.99 22.46
CA ALA A 23 -21.86 20.75 21.87
C ALA A 23 -21.21 19.88 22.95
N LYS A 24 -20.47 20.51 23.87
CA LYS A 24 -19.80 19.81 24.95
C LYS A 24 -20.81 19.38 26.02
N GLU A 25 -21.79 20.24 26.33
CA GLU A 25 -22.77 19.80 27.33
C GLU A 25 -23.50 18.56 26.81
N ASP A 26 -23.94 18.62 25.56
CA ASP A 26 -24.64 17.51 24.91
C ASP A 26 -23.75 16.26 24.91
N PHE A 27 -22.49 16.39 24.46
CA PHE A 27 -21.57 15.27 24.51
C PHE A 27 -21.49 14.67 25.91
N LEU A 28 -21.27 15.49 26.93
CA LEU A 28 -21.08 14.91 28.26
C LEU A 28 -22.35 14.22 28.77
N LYS A 29 -23.54 14.74 28.48
CA LYS A 29 -24.75 14.06 28.93
C LYS A 29 -24.85 12.66 28.29
N LYS A 30 -24.65 12.56 26.98
CA LYS A 30 -24.71 11.28 26.31
C LYS A 30 -23.59 10.35 26.78
N TRP A 31 -22.39 10.91 26.99
CA TRP A 31 -21.24 10.10 27.39
C TRP A 31 -21.48 9.45 28.75
N GLU A 32 -22.01 10.22 29.70
CA GLU A 32 -22.32 9.73 31.03
C GLU A 32 -23.45 8.70 31.09
N SER A 33 -24.51 8.80 30.26
CA SER A 33 -25.55 7.77 30.30
C SER A 33 -25.87 7.24 28.91
N PRO A 34 -25.08 6.26 28.44
CA PRO A 34 -25.19 5.74 27.07
C PRO A 34 -26.50 5.00 26.76
N ALA A 35 -27.03 5.31 25.57
CA ALA A 35 -28.17 4.62 24.99
C ALA A 35 -27.85 3.13 24.90
N GLN A 36 -28.88 2.30 25.09
CA GLN A 36 -28.62 0.87 25.14
C GLN A 36 -29.87 0.13 24.63
N ASN A 37 -29.65 -0.92 23.83
CA ASN A 37 -30.65 -1.87 23.39
C ASN A 37 -31.74 -1.18 22.56
N THR A 38 -31.36 -0.48 21.49
CA THR A 38 -32.34 0.38 20.85
C THR A 38 -32.97 -0.29 19.63
N ALA A 39 -32.71 -1.59 19.45
CA ALA A 39 -33.28 -2.35 18.36
C ALA A 39 -32.97 -3.82 18.57
N HIS A 40 -33.46 -4.66 17.65
CA HIS A 40 -33.03 -6.05 17.72
C HIS A 40 -32.92 -6.63 16.31
N LEU A 41 -32.28 -7.80 16.22
CA LEU A 41 -31.79 -8.31 14.96
C LEU A 41 -32.92 -8.47 13.94
N ASP A 42 -34.04 -9.06 14.38
CA ASP A 42 -35.07 -9.53 13.47
C ASP A 42 -35.82 -8.34 12.88
N GLN A 43 -35.53 -7.14 13.37
CA GLN A 43 -36.05 -5.93 12.76
C GLN A 43 -35.33 -5.61 11.43
N PHE A 44 -34.27 -6.37 11.08
CA PHE A 44 -33.53 -6.05 9.87
C PHE A 44 -33.39 -7.26 8.95
N GLU A 45 -33.52 -6.97 7.67
CA GLU A 45 -33.20 -7.91 6.61
C GLU A 45 -31.74 -7.73 6.18
N ARG A 46 -30.97 -8.82 6.15
CA ARG A 46 -29.55 -8.79 5.78
C ARG A 46 -29.41 -8.98 4.28
N ILE A 47 -28.75 -8.04 3.60
CA ILE A 47 -28.69 -8.04 2.15
C ILE A 47 -27.31 -8.52 1.68
N LYS A 48 -26.21 -7.99 2.25
CA LYS A 48 -24.93 -8.22 1.60
C LYS A 48 -23.75 -7.83 2.50
N THR A 49 -22.62 -8.53 2.37
CA THR A 49 -21.44 -8.20 3.17
C THR A 49 -20.66 -7.04 2.55
N LEU A 50 -20.37 -5.99 3.36
CA LEU A 50 -19.63 -4.81 2.93
C LEU A 50 -18.16 -4.89 3.38
N GLY A 51 -17.87 -5.67 4.43
CA GLY A 51 -16.48 -5.77 4.89
C GLY A 51 -16.29 -6.85 5.97
N THR A 52 -15.03 -7.28 6.16
CA THR A 52 -14.76 -8.27 7.19
C THR A 52 -13.47 -7.92 7.95
N GLY A 53 -13.35 -8.50 9.15
CA GLY A 53 -12.33 -8.16 10.13
C GLY A 53 -11.98 -9.37 11.00
N SER A 54 -11.09 -9.19 11.99
CA SER A 54 -10.63 -10.36 12.71
C SER A 54 -11.72 -10.84 13.66
N PHE A 55 -12.60 -9.91 14.09
CA PHE A 55 -13.61 -10.37 15.03
C PHE A 55 -15.04 -10.17 14.51
N GLY A 56 -15.22 -9.79 13.24
CA GLY A 56 -16.56 -9.46 12.79
C GLY A 56 -16.67 -9.20 11.29
N ARG A 57 -17.88 -8.82 10.83
CA ARG A 57 -18.12 -8.36 9.46
C ARG A 57 -19.07 -7.17 9.45
N VAL A 58 -19.24 -6.52 8.30
CA VAL A 58 -20.20 -5.42 8.17
C VAL A 58 -21.16 -5.75 7.03
N MET A 59 -22.46 -5.61 7.32
CA MET A 59 -23.44 -6.04 6.35
C MET A 59 -24.36 -4.87 6.04
N LEU A 60 -24.72 -4.73 4.76
CA LEU A 60 -25.80 -3.85 4.40
C LEU A 60 -27.10 -4.55 4.77
N VAL A 61 -28.00 -3.83 5.46
CA VAL A 61 -29.26 -4.37 5.90
C VAL A 61 -30.36 -3.37 5.60
N LYS A 62 -31.61 -3.86 5.54
CA LYS A 62 -32.78 -3.01 5.38
C LYS A 62 -33.66 -3.14 6.62
N HIS A 63 -34.12 -2.00 7.16
CA HIS A 63 -35.10 -1.96 8.24
C HIS A 63 -36.48 -2.38 7.70
N LYS A 64 -37.02 -3.49 8.21
CA LYS A 64 -38.21 -4.11 7.66
C LYS A 64 -39.36 -3.10 7.56
N GLU A 65 -39.49 -2.23 8.56
CA GLU A 65 -40.63 -1.33 8.63
C GLU A 65 -40.43 -0.13 7.71
N THR A 66 -39.32 0.59 7.90
CA THR A 66 -39.14 1.89 7.27
C THR A 66 -38.58 1.74 5.87
N GLY A 67 -38.09 0.55 5.53
CA GLY A 67 -37.45 0.28 4.24
C GLY A 67 -36.06 0.90 4.06
N ASN A 68 -35.52 1.56 5.11
CA ASN A 68 -34.28 2.31 5.10
C ASN A 68 -33.03 1.39 5.11
N HIS A 69 -31.97 1.79 4.39
CA HIS A 69 -30.74 1.01 4.38
C HIS A 69 -29.75 1.47 5.46
N TYR A 70 -29.04 0.50 6.05
CA TYR A 70 -28.06 0.80 7.08
C TYR A 70 -26.84 -0.12 6.91
N ALA A 71 -25.74 0.24 7.60
CA ALA A 71 -24.61 -0.65 7.69
C ALA A 71 -24.55 -1.23 9.10
N MET A 72 -24.57 -2.56 9.20
CA MET A 72 -24.64 -3.19 10.50
C MET A 72 -23.31 -3.89 10.78
N LYS A 73 -22.61 -3.41 11.81
CA LYS A 73 -21.40 -4.09 12.23
C LYS A 73 -21.75 -5.19 13.23
N ILE A 74 -21.32 -6.42 12.92
CA ILE A 74 -21.60 -7.61 13.71
C ILE A 74 -20.30 -8.16 14.30
N LEU A 75 -20.10 -7.97 15.60
CA LEU A 75 -18.89 -8.43 16.25
C LEU A 75 -19.17 -9.67 17.10
N ASP A 76 -18.37 -10.71 16.90
CA ASP A 76 -18.44 -11.96 17.64
C ASP A 76 -17.78 -11.81 19.02
N LYS A 77 -18.59 -11.96 20.09
CA LYS A 77 -18.12 -11.63 21.43
C LYS A 77 -16.90 -12.44 21.85
N GLN A 78 -16.82 -13.72 21.43
CA GLN A 78 -15.73 -14.62 21.82
C GLN A 78 -14.41 -14.21 21.19
N LYS A 79 -14.45 -13.88 19.88
CA LYS A 79 -13.27 -13.39 19.17
C LYS A 79 -12.82 -12.04 19.74
N VAL A 80 -13.77 -11.18 20.14
CA VAL A 80 -13.40 -9.92 20.78
C VAL A 80 -12.60 -10.19 22.04
N VAL A 81 -13.04 -11.16 22.86
CA VAL A 81 -12.34 -11.49 24.10
C VAL A 81 -10.97 -12.08 23.77
N LYS A 82 -10.94 -13.02 22.81
CA LYS A 82 -9.69 -13.69 22.44
C LYS A 82 -8.59 -12.68 22.13
N LEU A 83 -8.95 -11.59 21.43
CA LEU A 83 -7.94 -10.69 20.92
C LEU A 83 -7.76 -9.46 21.81
N LYS A 84 -8.26 -9.52 23.05
CA LYS A 84 -8.17 -8.43 24.02
C LYS A 84 -8.68 -7.11 23.45
N GLN A 85 -9.88 -7.13 22.82
CA GLN A 85 -10.44 -5.93 22.23
C GLN A 85 -11.68 -5.48 23.01
N ILE A 86 -11.85 -6.00 24.22
CA ILE A 86 -13.04 -5.68 25.01
C ILE A 86 -13.15 -4.17 25.14
N GLU A 87 -12.08 -3.54 25.66
CA GLU A 87 -12.08 -2.12 25.98
C GLU A 87 -12.26 -1.27 24.71
N HIS A 88 -11.63 -1.67 23.61
CA HIS A 88 -11.71 -0.92 22.35
C HIS A 88 -13.14 -0.92 21.82
N THR A 89 -13.77 -2.11 21.81
CA THR A 89 -15.12 -2.31 21.30
C THR A 89 -16.12 -1.46 22.09
N LEU A 90 -16.06 -1.52 23.43
CA LEU A 90 -16.94 -0.78 24.33
C LEU A 90 -16.79 0.72 24.06
N ASN A 91 -15.53 1.12 23.97
CA ASN A 91 -15.16 2.51 23.76
C ASN A 91 -15.73 3.02 22.44
N GLU A 92 -15.60 2.23 21.37
CA GLU A 92 -16.12 2.71 20.11
C GLU A 92 -17.63 3.02 20.21
N LYS A 93 -18.39 2.08 20.79
CA LYS A 93 -19.82 2.26 20.84
C LYS A 93 -20.15 3.45 21.72
N ARG A 94 -19.43 3.58 22.84
CA ARG A 94 -19.71 4.67 23.75
C ARG A 94 -19.45 6.02 23.08
N ILE A 95 -18.37 6.11 22.29
CA ILE A 95 -18.05 7.40 21.71
C ILE A 95 -19.08 7.70 20.63
N LEU A 96 -19.33 6.73 19.75
CA LEU A 96 -20.18 6.91 18.58
C LEU A 96 -21.59 7.31 18.99
N GLN A 97 -22.06 6.88 20.17
CA GLN A 97 -23.45 7.20 20.52
C GLN A 97 -23.52 8.56 21.20
N ALA A 98 -22.37 9.21 21.36
CA ALA A 98 -22.25 10.42 22.16
C ALA A 98 -21.95 11.65 21.29
N VAL A 99 -21.34 11.47 20.11
CA VAL A 99 -20.84 12.60 19.33
C VAL A 99 -21.91 13.04 18.32
N ASN A 100 -21.73 14.23 17.72
CA ASN A 100 -22.66 14.73 16.73
C ASN A 100 -21.97 15.80 15.87
N PHE A 101 -21.66 15.46 14.63
CA PHE A 101 -20.95 16.40 13.76
C PHE A 101 -21.18 15.99 12.30
N PRO A 102 -21.27 16.92 11.32
CA PRO A 102 -21.59 16.54 9.94
C PRO A 102 -20.68 15.48 9.33
N PHE A 103 -19.40 15.40 9.72
CA PHE A 103 -18.44 14.55 9.02
C PHE A 103 -18.13 13.28 9.82
N LEU A 104 -18.93 13.02 10.84
CA LEU A 104 -18.80 11.81 11.63
C LEU A 104 -20.00 10.93 11.31
N VAL A 105 -19.76 9.62 11.14
CA VAL A 105 -20.81 8.69 10.81
C VAL A 105 -21.84 8.65 11.96
N LYS A 106 -23.11 8.39 11.62
CA LYS A 106 -24.20 8.41 12.59
C LYS A 106 -24.58 6.99 13.00
N LEU A 107 -24.54 6.74 14.31
CA LEU A 107 -25.00 5.48 14.88
C LEU A 107 -26.50 5.58 15.17
N GLU A 108 -27.31 4.73 14.56
CA GLU A 108 -28.74 4.83 14.78
C GLU A 108 -29.19 3.91 15.91
N PHE A 109 -28.65 2.68 15.93
CA PHE A 109 -29.07 1.66 16.87
C PHE A 109 -27.86 0.87 17.35
N SER A 110 -27.95 0.31 18.56
CA SER A 110 -27.03 -0.72 18.99
C SER A 110 -27.72 -1.70 19.91
N PHE A 111 -27.25 -2.95 19.90
CA PHE A 111 -27.84 -4.01 20.70
C PHE A 111 -26.90 -5.22 20.73
N LYS A 112 -27.28 -6.27 21.46
CA LYS A 112 -26.45 -7.46 21.62
C LYS A 112 -27.33 -8.69 21.76
N ASP A 113 -26.75 -9.89 21.55
CA ASP A 113 -27.46 -11.15 21.71
C ASP A 113 -26.52 -12.18 22.33
N ASN A 114 -26.90 -13.47 22.31
CA ASN A 114 -26.09 -14.47 22.99
C ASN A 114 -24.67 -14.48 22.40
N SER A 115 -24.56 -14.18 21.10
CA SER A 115 -23.31 -14.42 20.37
C SER A 115 -22.56 -13.14 20.00
N ASN A 116 -23.30 -12.08 19.60
CA ASN A 116 -22.74 -10.97 18.85
C ASN A 116 -23.13 -9.61 19.43
N LEU A 117 -22.27 -8.58 19.19
CA LEU A 117 -22.61 -7.17 19.36
C LEU A 117 -23.02 -6.55 18.02
N TYR A 118 -23.85 -5.51 18.06
CA TYR A 118 -24.39 -4.97 16.82
C TYR A 118 -24.36 -3.45 16.86
N MET A 119 -23.81 -2.86 15.79
CA MET A 119 -23.87 -1.42 15.63
C MET A 119 -24.44 -1.12 14.26
N VAL A 120 -25.49 -0.30 14.23
CA VAL A 120 -26.18 -0.07 12.97
C VAL A 120 -25.99 1.40 12.65
N MET A 121 -25.32 1.67 11.54
CA MET A 121 -24.97 3.04 11.22
C MET A 121 -25.61 3.40 9.89
N GLU A 122 -25.84 4.70 9.69
CA GLU A 122 -26.35 5.23 8.44
C GLU A 122 -25.46 4.75 7.30
N TYR A 123 -26.05 4.18 6.23
CA TYR A 123 -25.27 3.56 5.17
C TYR A 123 -24.59 4.67 4.37
N VAL A 124 -23.26 4.56 4.18
CA VAL A 124 -22.49 5.58 3.48
C VAL A 124 -21.99 4.95 2.20
N PRO A 125 -22.67 5.22 1.07
CA PRO A 125 -22.53 4.41 -0.14
C PRO A 125 -21.34 4.54 -1.10
N GLY A 126 -20.57 5.62 -0.99
CA GLY A 126 -19.47 5.87 -1.91
C GLY A 126 -18.19 5.07 -1.63
N GLY A 127 -18.13 4.33 -0.52
CA GLY A 127 -16.92 3.57 -0.23
C GLY A 127 -15.82 4.42 0.40
N GLU A 128 -14.66 3.78 0.61
CA GLU A 128 -13.56 4.36 1.39
C GLU A 128 -12.71 5.25 0.48
N MET A 129 -12.23 6.37 1.03
CA MET A 129 -11.29 7.18 0.27
C MET A 129 -10.12 6.35 -0.25
N PHE A 130 -9.68 5.31 0.50
CA PHE A 130 -8.51 4.55 0.11
C PHE A 130 -8.67 3.99 -1.30
N SER A 131 -9.83 3.36 -1.59
CA SER A 131 -9.97 2.76 -2.90
C SER A 131 -10.11 3.78 -4.02
N HIS A 132 -10.76 4.94 -3.78
CA HIS A 132 -10.79 6.01 -4.78
C HIS A 132 -9.39 6.55 -5.06
N LEU A 133 -8.57 6.73 -4.01
CA LEU A 133 -7.24 7.27 -4.18
C LEU A 133 -6.42 6.30 -5.04
N ARG A 134 -6.57 5.00 -4.76
CA ARG A 134 -5.82 4.00 -5.48
C ARG A 134 -6.43 3.81 -6.88
N ARG A 135 -7.70 4.20 -7.09
CA ARG A 135 -8.31 3.97 -8.39
C ARG A 135 -7.82 4.99 -9.41
N ILE A 136 -7.63 6.23 -8.95
CA ILE A 136 -7.45 7.34 -9.87
C ILE A 136 -6.11 8.01 -9.63
N GLY A 137 -5.30 7.46 -8.71
CA GLY A 137 -4.00 8.06 -8.39
C GLY A 137 -4.17 9.43 -7.73
N ARG A 138 -3.06 10.04 -7.35
CA ARG A 138 -3.09 11.26 -6.58
C ARG A 138 -4.26 12.20 -6.94
N PHE A 139 -4.80 12.86 -5.92
CA PHE A 139 -5.77 13.93 -6.09
C PHE A 139 -5.04 15.22 -6.41
N SER A 140 -5.71 16.14 -7.12
CA SER A 140 -5.15 17.48 -7.31
C SER A 140 -5.16 18.23 -5.98
N GLU A 141 -4.42 19.35 -5.91
CA GLU A 141 -4.42 20.14 -4.69
C GLU A 141 -5.84 20.58 -4.32
N PRO A 142 -6.62 21.22 -5.22
CA PRO A 142 -7.99 21.60 -4.85
C PRO A 142 -8.80 20.40 -4.31
N HIS A 143 -8.65 19.22 -4.94
CA HIS A 143 -9.39 18.05 -4.48
C HIS A 143 -8.90 17.66 -3.07
N ALA A 144 -7.59 17.66 -2.85
CA ALA A 144 -7.06 17.26 -1.56
C ALA A 144 -7.50 18.26 -0.48
N ARG A 145 -7.58 19.54 -0.85
CA ARG A 145 -7.86 20.61 0.08
C ARG A 145 -9.30 20.52 0.58
N PHE A 146 -10.23 20.19 -0.33
CA PHE A 146 -11.62 19.97 0.02
C PHE A 146 -11.72 18.90 1.12
N TYR A 147 -11.02 17.77 0.96
CA TYR A 147 -11.00 16.74 2.00
C TYR A 147 -10.34 17.19 3.31
N ALA A 148 -9.21 17.91 3.22
CA ALA A 148 -8.45 18.25 4.41
C ALA A 148 -9.27 19.19 5.30
N ALA A 149 -9.90 20.17 4.66
CA ALA A 149 -10.74 21.11 5.35
C ALA A 149 -11.76 20.40 6.26
N GLN A 150 -12.38 19.33 5.76
CA GLN A 150 -13.34 18.57 6.54
C GLN A 150 -12.65 17.94 7.76
N ILE A 151 -11.45 17.39 7.56
CA ILE A 151 -10.72 16.74 8.66
C ILE A 151 -10.33 17.82 9.66
N VAL A 152 -9.93 19.00 9.16
CA VAL A 152 -9.57 20.09 10.07
C VAL A 152 -10.73 20.40 11.00
N LEU A 153 -11.92 20.61 10.44
CA LEU A 153 -13.08 20.93 11.28
C LEU A 153 -13.42 19.77 12.21
N THR A 154 -13.32 18.52 11.73
CA THR A 154 -13.63 17.36 12.55
C THR A 154 -12.69 17.26 13.76
N PHE A 155 -11.40 17.54 13.55
CA PHE A 155 -10.45 17.52 14.64
C PHE A 155 -10.71 18.69 15.59
N GLU A 156 -11.07 19.84 15.05
CA GLU A 156 -11.41 20.92 15.96
C GLU A 156 -12.52 20.46 16.91
N TYR A 157 -13.50 19.75 16.36
CA TYR A 157 -14.63 19.34 17.16
C TYR A 157 -14.22 18.30 18.21
N LEU A 158 -13.61 17.21 17.75
CA LEU A 158 -13.17 16.15 18.65
C LEU A 158 -12.23 16.73 19.71
N HIS A 159 -11.40 17.71 19.34
CA HIS A 159 -10.43 18.18 20.32
C HIS A 159 -11.14 18.98 21.41
N SER A 160 -12.16 19.73 21.01
CA SER A 160 -12.94 20.49 21.98
C SER A 160 -13.58 19.57 23.03
N LEU A 161 -13.72 18.27 22.74
CA LEU A 161 -14.31 17.32 23.67
C LEU A 161 -13.21 16.55 24.42
N ASP A 162 -11.94 16.95 24.18
CA ASP A 162 -10.76 16.27 24.68
C ASP A 162 -10.67 14.83 24.17
N LEU A 163 -11.20 14.57 22.98
CA LEU A 163 -10.95 13.28 22.37
C LEU A 163 -9.74 13.39 21.44
N ILE A 164 -8.89 12.35 21.47
CA ILE A 164 -7.80 12.20 20.52
C ILE A 164 -8.22 11.11 19.54
N TYR A 165 -8.11 11.40 18.23
CA TYR A 165 -8.61 10.48 17.23
C TYR A 165 -7.63 9.32 17.04
N ARG A 166 -6.38 9.67 16.74
CA ARG A 166 -5.24 8.79 16.62
C ARG A 166 -5.50 7.56 15.76
N ASP A 167 -6.35 7.69 14.72
CA ASP A 167 -6.52 6.60 13.77
C ASP A 167 -6.73 7.09 12.33
N LEU A 168 -6.30 8.30 11.99
CA LEU A 168 -6.52 8.84 10.65
C LEU A 168 -5.71 8.06 9.63
N LYS A 169 -6.37 7.73 8.50
CA LYS A 169 -5.78 7.05 7.36
C LYS A 169 -6.84 6.95 6.26
N PRO A 170 -6.48 6.90 4.96
CA PRO A 170 -7.48 6.91 3.88
C PRO A 170 -8.65 5.94 3.99
N GLU A 171 -8.36 4.80 4.61
CA GLU A 171 -9.23 3.64 4.66
C GLU A 171 -10.41 3.88 5.62
N ASN A 172 -10.26 4.88 6.51
CA ASN A 172 -11.26 5.15 7.54
C ASN A 172 -12.14 6.33 7.17
N LEU A 173 -12.03 6.86 5.94
CA LEU A 173 -12.88 7.94 5.52
C LEU A 173 -13.80 7.41 4.43
N LEU A 174 -15.11 7.37 4.68
CA LEU A 174 -16.06 6.94 3.67
C LEU A 174 -16.54 8.19 2.92
N ILE A 175 -16.92 8.03 1.64
CA ILE A 175 -17.43 9.16 0.87
C ILE A 175 -18.95 9.02 0.77
N ASP A 176 -19.70 10.08 1.08
CA ASP A 176 -21.16 9.97 0.96
C ASP A 176 -21.65 10.48 -0.40
N GLN A 177 -22.98 10.41 -0.56
CA GLN A 177 -23.61 10.55 -1.86
C GLN A 177 -23.29 11.94 -2.43
N GLN A 178 -23.08 12.91 -1.54
CA GLN A 178 -22.82 14.26 -2.02
C GLN A 178 -21.30 14.47 -2.13
N GLY A 179 -20.51 13.41 -1.99
CA GLY A 179 -19.07 13.56 -2.05
C GLY A 179 -18.38 14.05 -0.76
N TYR A 180 -19.11 14.11 0.39
CA TYR A 180 -18.48 14.52 1.65
C TYR A 180 -17.98 13.31 2.43
N ILE A 181 -17.10 13.58 3.39
CA ILE A 181 -16.39 12.56 4.16
C ILE A 181 -17.23 12.19 5.37
N GLN A 182 -17.27 10.88 5.68
CA GLN A 182 -17.74 10.43 6.97
C GLN A 182 -16.65 9.60 7.65
N VAL A 183 -16.21 10.01 8.84
CA VAL A 183 -15.20 9.28 9.60
C VAL A 183 -15.86 8.14 10.38
N THR A 184 -15.32 6.93 10.20
N THR A 184 -15.27 6.93 10.43
CA THR A 184 -15.65 5.79 11.04
CA THR A 184 -16.02 5.81 11.00
C THR A 184 -14.38 5.32 11.75
C THR A 184 -15.45 5.16 12.28
N ASP A 185 -14.56 4.34 12.65
N ASP A 185 -14.13 4.96 12.35
CA ASP A 185 -13.49 3.79 13.47
CA ASP A 185 -13.54 4.08 13.36
C ASP A 185 -13.16 4.76 14.59
C ASP A 185 -13.19 4.88 14.62
N PHE A 186 -13.65 4.42 15.80
CA PHE A 186 -13.39 5.18 17.00
C PHE A 186 -12.92 4.26 18.14
N GLY A 187 -12.57 3.02 17.80
CA GLY A 187 -12.05 2.08 18.77
C GLY A 187 -10.82 2.64 19.49
N PHE A 188 -9.91 3.30 18.75
CA PHE A 188 -8.68 3.76 19.37
C PHE A 188 -8.83 5.14 19.99
N ALA A 189 -9.93 5.85 19.72
CA ALA A 189 -10.10 7.21 20.27
C ALA A 189 -10.18 7.19 21.80
N LYS A 190 -9.51 8.16 22.44
CA LYS A 190 -9.46 8.22 23.88
C LYS A 190 -9.75 9.64 24.33
N ARG A 191 -10.58 9.73 25.37
CA ARG A 191 -10.79 10.96 26.10
C ARG A 191 -9.59 11.16 27.00
N VAL A 192 -8.91 12.31 26.88
CA VAL A 192 -7.58 12.55 27.44
C VAL A 192 -7.31 14.05 27.51
N LYS A 193 -7.19 14.61 28.72
CA LYS A 193 -6.56 15.91 28.90
C LYS A 193 -5.24 15.67 29.61
N GLY A 194 -4.12 16.09 29.03
CA GLY A 194 -2.82 15.62 29.49
C GLY A 194 -2.13 14.71 28.46
N ARG A 195 -1.45 13.68 28.94
CA ARG A 195 -0.65 12.81 28.10
C ARG A 195 -1.26 11.43 28.13
N THR A 196 -0.83 10.54 27.21
CA THR A 196 -1.19 9.13 27.21
C THR A 196 -0.08 8.41 26.44
N TRP A 197 -0.09 7.06 26.43
CA TRP A 197 1.08 6.28 26.02
C TRP A 197 0.76 5.16 25.00
N TPO A 198 -0.48 4.73 24.85
CA TPO A 198 -0.64 3.53 24.04
CB TPO A 198 -2.09 3.00 24.03
CG2 TPO A 198 -2.14 1.53 23.66
OG1 TPO A 198 -2.55 3.12 25.40
P TPO A 198 -3.55 4.30 25.79
O1P TPO A 198 -4.85 3.72 25.33
O2P TPO A 198 -3.49 4.54 27.28
O3P TPO A 198 -3.10 5.53 25.06
C TPO A 198 -0.17 3.74 22.60
O TPO A 198 -0.44 4.76 21.94
N LEU A 199 0.51 2.71 22.10
CA LEU A 199 1.01 2.70 20.74
C LEU A 199 0.00 2.00 19.84
N CYS A 200 -0.92 2.78 19.29
CA CYS A 200 -1.89 2.23 18.36
C CYS A 200 -1.89 3.09 17.09
N GLY A 201 -2.40 2.52 15.99
CA GLY A 201 -2.46 3.24 14.74
C GLY A 201 -1.53 2.60 13.72
N THR A 202 -1.90 2.69 12.43
CA THR A 202 -1.02 2.23 11.37
C THR A 202 0.35 2.92 11.51
N PRO A 203 1.45 2.16 11.34
CA PRO A 203 2.80 2.73 11.48
C PRO A 203 3.11 4.01 10.71
N GLU A 204 2.62 4.12 9.47
CA GLU A 204 2.95 5.22 8.56
C GLU A 204 2.40 6.56 9.03
N TYR A 205 1.41 6.55 9.94
CA TYR A 205 0.73 7.77 10.33
C TYR A 205 1.19 8.23 11.72
N LEU A 206 2.03 7.44 12.41
CA LEU A 206 2.35 7.73 13.81
C LEU A 206 3.27 8.95 13.91
N ALA A 207 2.98 9.84 14.87
CA ALA A 207 3.86 10.97 15.20
C ALA A 207 5.09 10.51 15.98
N PRO A 208 6.21 11.27 15.89
CA PRO A 208 7.46 10.90 16.58
C PRO A 208 7.28 10.64 18.08
N GLU A 209 6.54 11.52 18.76
CA GLU A 209 6.43 11.42 20.21
C GLU A 209 5.74 10.11 20.62
N ILE A 210 4.92 9.52 19.72
CA ILE A 210 4.30 8.25 20.06
C ILE A 210 5.37 7.16 20.14
N ILE A 211 6.29 7.18 19.18
CA ILE A 211 7.36 6.21 19.06
C ILE A 211 8.37 6.36 20.21
N LEU A 212 8.62 7.60 20.63
CA LEU A 212 9.69 7.89 21.57
C LEU A 212 9.27 7.60 23.01
N SER A 213 7.99 7.25 23.23
CA SER A 213 7.55 6.62 24.46
C SER A 213 7.70 7.48 25.71
N LYS A 214 7.60 8.81 25.60
CA LYS A 214 7.65 9.68 26.77
C LYS A 214 6.30 10.39 26.94
N GLY A 215 5.27 9.90 26.24
CA GLY A 215 3.91 10.41 26.37
C GLY A 215 3.50 11.36 25.24
N TYR A 216 2.20 11.45 24.97
CA TYR A 216 1.79 12.42 23.97
C TYR A 216 0.35 12.86 24.18
N ASN A 217 -0.11 13.78 23.34
CA ASN A 217 -1.43 14.40 23.47
C ASN A 217 -2.06 14.61 22.10
N LYS A 218 -3.08 15.49 22.02
CA LYS A 218 -3.88 15.64 20.81
C LYS A 218 -3.06 16.15 19.61
N ALA A 219 -1.84 16.67 19.84
CA ALA A 219 -1.00 17.15 18.76
C ALA A 219 -0.66 16.07 17.72
N VAL A 220 -0.81 14.79 18.08
CA VAL A 220 -0.60 13.70 17.14
C VAL A 220 -1.60 13.71 15.97
N ASP A 221 -2.80 14.29 16.17
CA ASP A 221 -3.81 14.31 15.12
C ASP A 221 -3.36 15.27 14.01
N TRP A 222 -2.73 16.38 14.40
CA TRP A 222 -2.27 17.36 13.42
C TRP A 222 -1.10 16.82 12.61
N TRP A 223 -0.23 16.02 13.23
CA TRP A 223 0.82 15.35 12.51
C TRP A 223 0.18 14.44 11.46
N ALA A 224 -0.70 13.55 11.92
CA ALA A 224 -1.41 12.63 11.02
C ALA A 224 -2.14 13.36 9.88
N LEU A 225 -2.69 14.56 10.14
CA LEU A 225 -3.33 15.30 9.06
C LEU A 225 -2.30 15.63 7.97
N GLY A 226 -1.08 15.91 8.42
CA GLY A 226 0.01 16.18 7.50
C GLY A 226 0.33 14.97 6.63
N VAL A 227 0.34 13.79 7.24
CA VAL A 227 0.60 12.59 6.46
C VAL A 227 -0.51 12.43 5.43
N LEU A 228 -1.75 12.69 5.85
CA LEU A 228 -2.89 12.39 4.98
C LEU A 228 -2.86 13.33 3.77
N ILE A 229 -2.59 14.61 4.02
CA ILE A 229 -2.58 15.58 2.92
C ILE A 229 -1.47 15.22 1.94
N TYR A 230 -0.31 14.82 2.49
CA TYR A 230 0.80 14.36 1.66
C TYR A 230 0.38 13.17 0.80
N GLU A 231 -0.27 12.15 1.40
CA GLU A 231 -0.66 10.97 0.65
C GLU A 231 -1.71 11.29 -0.45
N MET A 232 -2.69 12.15 -0.12
CA MET A 232 -3.71 12.47 -1.11
C MET A 232 -3.03 13.16 -2.31
N ALA A 233 -2.13 14.11 -2.02
CA ALA A 233 -1.57 14.97 -3.05
C ALA A 233 -0.46 14.26 -3.84
N ALA A 234 0.22 13.28 -3.22
CA ALA A 234 1.37 12.62 -3.83
C ALA A 234 1.02 11.25 -4.38
N GLY A 235 0.07 10.55 -3.74
CA GLY A 235 -0.27 9.20 -4.15
C GLY A 235 0.39 8.14 -3.25
N TYR A 236 1.25 8.59 -2.33
CA TYR A 236 1.83 7.65 -1.39
C TYR A 236 2.29 8.42 -0.16
N PRO A 237 2.51 7.75 0.99
CA PRO A 237 2.76 8.46 2.25
C PRO A 237 4.21 8.95 2.34
N PRO A 238 4.51 9.97 3.15
CA PRO A 238 5.86 10.53 3.13
C PRO A 238 6.93 9.59 3.71
N PHE A 239 6.54 8.60 4.52
CA PHE A 239 7.47 7.77 5.27
C PHE A 239 7.04 6.33 5.13
N PHE A 240 7.82 5.55 4.38
CA PHE A 240 7.43 4.21 3.96
C PHE A 240 8.67 3.32 3.97
N ALA A 241 8.49 2.02 4.25
CA ALA A 241 9.57 1.06 4.13
C ALA A 241 9.04 -0.35 4.36
N ASP A 242 9.85 -1.36 3.98
CA ASP A 242 9.48 -2.75 4.18
C ASP A 242 9.47 -3.10 5.68
N GLN A 243 10.56 -2.72 6.40
CA GLN A 243 10.72 -3.04 7.81
C GLN A 243 10.06 -1.98 8.69
N PRO A 244 9.08 -2.33 9.57
CA PRO A 244 8.45 -1.36 10.48
C PRO A 244 9.35 -0.61 11.47
N ILE A 245 10.48 -1.24 11.84
CA ILE A 245 11.53 -0.59 12.60
C ILE A 245 12.06 0.56 11.74
N GLN A 246 12.17 0.31 10.42
CA GLN A 246 12.82 1.24 9.51
C GLN A 246 11.91 2.45 9.27
N ILE A 247 10.59 2.23 9.37
CA ILE A 247 9.62 3.31 9.27
C ILE A 247 9.77 4.24 10.48
N TYR A 248 9.98 3.66 11.67
CA TYR A 248 10.08 4.48 12.87
C TYR A 248 11.22 5.50 12.74
N GLU A 249 12.40 5.04 12.29
CA GLU A 249 13.57 5.90 12.10
C GLU A 249 13.27 7.03 11.12
N LYS A 250 12.62 6.70 10.00
CA LYS A 250 12.23 7.76 9.07
C LYS A 250 11.35 8.79 9.79
N ILE A 251 10.46 8.34 10.68
CA ILE A 251 9.60 9.30 11.33
C ILE A 251 10.35 10.15 12.33
N VAL A 252 11.16 9.55 13.23
CA VAL A 252 11.69 10.42 14.25
C VAL A 252 12.75 11.34 13.64
N SER A 253 13.33 10.90 12.52
CA SER A 253 14.14 11.82 11.73
C SER A 253 13.29 12.97 11.20
N GLY A 254 12.29 12.67 10.36
CA GLY A 254 11.34 13.68 9.91
C GLY A 254 11.74 14.36 8.59
N LYS A 255 12.77 13.84 7.91
CA LYS A 255 13.14 14.38 6.61
C LYS A 255 12.11 13.99 5.56
N VAL A 256 11.49 14.98 4.92
CA VAL A 256 10.53 14.70 3.84
C VAL A 256 11.16 15.07 2.50
N ARG A 257 10.90 14.27 1.46
CA ARG A 257 11.10 14.71 0.09
C ARG A 257 9.76 15.09 -0.55
N PHE A 258 9.57 16.38 -0.83
CA PHE A 258 8.35 16.86 -1.47
C PHE A 258 8.48 16.68 -2.98
N PRO A 259 7.50 16.04 -3.66
CA PRO A 259 7.52 15.98 -5.13
C PRO A 259 7.58 17.40 -5.69
N SER A 260 8.18 17.52 -6.88
CA SER A 260 8.33 18.84 -7.49
C SER A 260 6.99 19.45 -7.89
N HIS A 261 5.95 18.62 -8.08
CA HIS A 261 4.66 19.19 -8.46
C HIS A 261 3.94 19.85 -7.29
N PHE A 262 4.44 19.71 -6.05
CA PHE A 262 3.82 20.32 -4.89
C PHE A 262 4.04 21.83 -4.96
N SER A 263 2.97 22.60 -4.70
CA SER A 263 3.09 24.05 -4.70
C SER A 263 3.86 24.48 -3.47
N SER A 264 4.34 25.74 -3.49
CA SER A 264 5.09 26.36 -2.41
C SER A 264 4.26 26.43 -1.14
N ASP A 265 2.98 26.80 -1.29
CA ASP A 265 2.09 26.89 -0.14
C ASP A 265 1.94 25.53 0.55
N LEU A 266 1.81 24.45 -0.25
CA LEU A 266 1.57 23.14 0.31
C LEU A 266 2.80 22.71 1.12
N LYS A 267 3.98 22.99 0.56
CA LYS A 267 5.21 22.58 1.21
C LYS A 267 5.32 23.32 2.53
N ASP A 268 4.95 24.62 2.51
CA ASP A 268 5.02 25.40 3.74
C ASP A 268 4.13 24.76 4.79
N LEU A 269 2.87 24.45 4.42
CA LEU A 269 1.92 23.91 5.38
C LEU A 269 2.43 22.59 5.95
N LEU A 270 2.99 21.73 5.09
CA LEU A 270 3.39 20.42 5.54
C LEU A 270 4.64 20.50 6.43
N ARG A 271 5.46 21.56 6.27
CA ARG A 271 6.68 21.66 7.06
C ARG A 271 6.27 21.96 8.50
N ASN A 272 5.14 22.68 8.60
CA ASN A 272 4.57 23.11 9.87
C ASN A 272 3.63 22.05 10.47
N LEU A 273 3.06 21.13 9.68
CA LEU A 273 2.28 20.04 10.27
C LEU A 273 3.20 18.84 10.57
N LEU A 274 4.06 18.42 9.61
CA LEU A 274 5.09 17.41 9.84
C LEU A 274 6.31 17.97 10.59
N GLN A 275 6.06 18.70 11.66
CA GLN A 275 7.05 19.21 12.59
C GLN A 275 7.29 18.16 13.67
N VAL A 276 8.54 17.71 13.80
CA VAL A 276 8.85 16.62 14.71
C VAL A 276 8.68 17.05 16.16
N ASP A 277 8.82 18.35 16.43
CA ASP A 277 8.68 18.83 17.79
C ASP A 277 7.26 19.35 18.00
N LEU A 278 6.51 18.67 18.86
CA LEU A 278 5.08 18.92 19.00
C LEU A 278 4.86 20.36 19.44
N THR A 279 5.87 20.96 20.10
CA THR A 279 5.72 22.25 20.74
C THR A 279 5.79 23.37 19.70
N LYS A 280 6.17 23.02 18.47
CA LYS A 280 6.16 23.99 17.40
C LYS A 280 5.15 23.63 16.31
N ARG A 281 4.43 22.51 16.46
CA ARG A 281 3.59 22.01 15.37
C ARG A 281 2.29 22.81 15.28
N PHE A 282 1.88 23.12 14.04
CA PHE A 282 0.65 23.86 13.78
C PHE A 282 -0.54 23.09 14.35
N GLY A 283 -1.52 23.83 14.90
CA GLY A 283 -2.66 23.27 15.58
C GLY A 283 -2.42 23.07 17.08
N ASN A 284 -1.17 23.19 17.52
CA ASN A 284 -0.80 22.97 18.92
C ASN A 284 -0.19 24.23 19.54
N LEU A 285 -0.39 25.40 18.92
CA LEU A 285 0.16 26.63 19.46
C LEU A 285 -0.95 27.51 20.04
N LYS A 286 -0.59 28.74 20.45
CA LYS A 286 -1.51 29.64 21.14
C LYS A 286 -2.77 29.91 20.31
N ASN A 287 -2.64 30.01 18.98
CA ASN A 287 -3.76 30.31 18.12
C ASN A 287 -4.55 29.04 17.79
N GLY A 288 -4.01 27.88 18.23
CA GLY A 288 -4.66 26.61 18.00
C GLY A 288 -4.96 26.35 16.52
N VAL A 289 -6.20 25.95 16.22
CA VAL A 289 -6.53 25.45 14.90
C VAL A 289 -6.44 26.57 13.86
N ASN A 290 -6.44 27.82 14.31
CA ASN A 290 -6.50 28.96 13.39
C ASN A 290 -5.20 29.10 12.60
N ASP A 291 -4.10 28.60 13.19
CA ASP A 291 -2.84 28.66 12.48
C ASP A 291 -3.00 27.84 11.21
N ILE A 292 -3.83 26.80 11.27
CA ILE A 292 -4.06 25.94 10.12
C ILE A 292 -5.08 26.59 9.17
N LYS A 293 -6.15 27.15 9.73
CA LYS A 293 -7.23 27.69 8.89
C LYS A 293 -6.75 28.92 8.12
N ASN A 294 -5.81 29.66 8.69
CA ASN A 294 -5.37 30.92 8.10
C ASN A 294 -4.13 30.76 7.23
N HIS A 295 -3.65 29.52 7.10
CA HIS A 295 -2.53 29.24 6.21
C HIS A 295 -2.90 29.56 4.76
N LYS A 296 -1.94 30.11 3.99
CA LYS A 296 -2.17 30.52 2.62
C LYS A 296 -2.70 29.38 1.75
N TRP A 297 -2.24 28.15 1.96
CA TRP A 297 -2.78 27.02 1.22
C TRP A 297 -4.30 26.94 1.35
N PHE A 298 -4.88 27.40 2.48
CA PHE A 298 -6.33 27.31 2.65
C PHE A 298 -7.04 28.62 2.30
N ALA A 299 -6.36 29.51 1.56
CA ALA A 299 -6.87 30.85 1.29
C ALA A 299 -8.20 30.80 0.55
N THR A 300 -8.39 29.84 -0.36
CA THR A 300 -9.61 29.84 -1.16
C THR A 300 -10.68 29.01 -0.48
N THR A 301 -10.47 28.60 0.77
CA THR A 301 -11.42 27.73 1.43
C THR A 301 -12.42 28.56 2.22
N ASP A 302 -13.70 28.24 2.07
CA ASP A 302 -14.71 28.92 2.87
C ASP A 302 -15.18 27.96 3.96
N TRP A 303 -14.64 28.16 5.17
CA TRP A 303 -14.80 27.27 6.31
C TRP A 303 -16.27 27.07 6.69
N ILE A 304 -17.06 28.14 6.70
CA ILE A 304 -18.46 27.97 7.06
C ILE A 304 -19.22 27.24 5.95
N ALA A 305 -18.95 27.57 4.68
CA ALA A 305 -19.61 26.86 3.60
C ALA A 305 -19.31 25.35 3.64
N ILE A 306 -18.05 24.95 3.91
CA ILE A 306 -17.73 23.53 4.04
C ILE A 306 -18.55 22.92 5.18
N TYR A 307 -18.61 23.64 6.30
CA TYR A 307 -19.28 23.10 7.46
C TYR A 307 -20.73 22.79 7.10
N GLN A 308 -21.38 23.66 6.33
CA GLN A 308 -22.80 23.55 6.06
C GLN A 308 -23.03 22.73 4.80
N ARG A 309 -21.95 22.24 4.18
CA ARG A 309 -22.05 21.40 3.01
C ARG A 309 -22.55 22.16 1.77
N LYS A 310 -22.30 23.47 1.71
CA LYS A 310 -22.78 24.30 0.61
C LYS A 310 -21.63 24.59 -0.37
N VAL A 311 -20.79 23.59 -0.63
CA VAL A 311 -19.70 23.69 -1.60
C VAL A 311 -19.83 22.45 -2.47
N GLU A 312 -19.84 22.62 -3.80
CA GLU A 312 -19.94 21.49 -4.71
C GLU A 312 -18.69 20.61 -4.56
N ALA A 313 -18.88 19.30 -4.38
CA ALA A 313 -17.77 18.40 -4.17
C ALA A 313 -17.03 18.18 -5.47
N PRO A 314 -15.70 17.98 -5.43
CA PRO A 314 -14.92 17.76 -6.66
C PRO A 314 -15.17 16.40 -7.28
N PHE A 315 -15.78 15.47 -6.53
CA PHE A 315 -16.05 14.13 -7.03
C PHE A 315 -17.31 13.56 -6.37
N ILE A 316 -18.19 12.95 -7.19
CA ILE A 316 -19.43 12.37 -6.70
C ILE A 316 -19.44 10.89 -7.09
N PRO A 317 -19.58 9.95 -6.13
CA PRO A 317 -19.50 8.53 -6.48
C PRO A 317 -20.72 8.05 -7.28
N LYS A 318 -20.43 7.13 -8.21
CA LYS A 318 -21.40 6.40 -9.01
C LYS A 318 -22.39 5.74 -8.06
N PHE A 319 -23.67 6.10 -8.20
CA PHE A 319 -24.65 5.92 -7.15
C PHE A 319 -25.98 5.42 -7.72
N LYS A 320 -25.95 4.22 -8.31
CA LYS A 320 -27.00 3.76 -9.20
C LYS A 320 -28.16 3.08 -8.45
N GLY A 321 -28.72 3.73 -7.43
CA GLY A 321 -29.94 3.23 -6.79
C GLY A 321 -29.75 2.77 -5.35
N PRO A 322 -30.76 2.90 -4.47
CA PRO A 322 -30.56 2.91 -3.01
C PRO A 322 -29.93 1.71 -2.29
N GLY A 323 -30.09 0.48 -2.80
CA GLY A 323 -29.51 -0.66 -2.12
C GLY A 323 -28.20 -1.14 -2.73
N ASP A 324 -27.49 -0.24 -3.43
CA ASP A 324 -26.41 -0.60 -4.33
C ASP A 324 -25.09 -0.62 -3.58
N THR A 325 -24.23 -1.63 -3.85
CA THR A 325 -23.01 -1.74 -3.06
C THR A 325 -21.74 -1.81 -3.93
N SER A 326 -21.80 -1.29 -5.15
CA SER A 326 -20.73 -1.54 -6.10
C SER A 326 -19.46 -0.74 -5.78
N ASN A 327 -19.51 0.20 -4.81
CA ASN A 327 -18.34 0.91 -4.33
C ASN A 327 -17.58 0.13 -3.25
N PHE A 328 -18.14 -0.99 -2.76
CA PHE A 328 -17.44 -1.87 -1.85
C PHE A 328 -17.10 -3.16 -2.59
N ASP A 329 -16.17 -3.93 -2.01
CA ASP A 329 -15.74 -5.16 -2.66
C ASP A 329 -16.75 -6.29 -2.41
N ASP A 330 -16.54 -7.45 -3.06
CA ASP A 330 -17.37 -8.63 -2.88
C ASP A 330 -16.68 -9.61 -1.95
N TYR A 331 -17.45 -10.21 -1.03
CA TYR A 331 -16.99 -11.16 -0.04
C TYR A 331 -17.88 -12.42 -0.05
N GLU A 332 -17.27 -13.57 0.26
CA GLU A 332 -18.00 -14.80 0.49
C GLU A 332 -18.94 -14.58 1.68
N GLU A 333 -20.23 -14.83 1.47
CA GLU A 333 -21.23 -14.69 2.53
C GLU A 333 -21.19 -15.89 3.45
N GLU A 334 -21.25 -15.64 4.76
CA GLU A 334 -21.45 -16.73 5.71
C GLU A 334 -22.61 -16.45 6.65
N GLU A 335 -23.08 -17.50 7.33
CA GLU A 335 -24.29 -17.49 8.13
C GLU A 335 -24.05 -16.69 9.40
N ILE A 336 -25.08 -15.99 9.87
CA ILE A 336 -25.04 -15.39 11.21
C ILE A 336 -25.62 -16.38 12.22
N ARG A 337 -24.73 -16.98 13.03
CA ARG A 337 -25.07 -17.97 14.04
C ARG A 337 -25.23 -17.30 15.40
N VAL A 338 -26.38 -17.57 16.05
CA VAL A 338 -26.65 -17.16 17.42
C VAL A 338 -26.69 -18.43 18.28
N SEP A 339 -25.82 -18.49 19.30
CA SEP A 339 -25.76 -19.66 20.16
CB SEP A 339 -24.52 -19.58 21.03
OG SEP A 339 -24.57 -20.70 21.96
C SEP A 339 -27.04 -19.75 20.99
O SEP A 339 -27.77 -18.77 21.14
P SEP A 339 -23.94 -22.13 21.54
O1P SEP A 339 -25.11 -22.83 20.88
O2P SEP A 339 -23.47 -22.77 22.84
O3P SEP A 339 -22.78 -21.86 20.61
N ILE A 340 -27.32 -20.96 21.53
CA ILE A 340 -28.43 -21.06 22.46
C ILE A 340 -28.04 -20.46 23.82
N ASN A 341 -26.73 -20.29 24.07
CA ASN A 341 -26.23 -19.91 25.39
C ASN A 341 -25.43 -18.59 25.34
N GLU A 342 -25.76 -17.66 26.23
CA GLU A 342 -25.07 -16.38 26.38
C GLU A 342 -23.56 -16.58 26.54
N LYS A 343 -22.77 -15.83 25.77
CA LYS A 343 -21.33 -15.81 25.93
C LYS A 343 -20.86 -14.42 26.39
N CYS A 344 -20.01 -14.39 27.42
CA CYS A 344 -19.29 -13.21 27.85
C CYS A 344 -20.25 -12.11 28.32
N GLY A 345 -21.29 -12.49 29.09
CA GLY A 345 -22.24 -11.50 29.59
C GLY A 345 -21.58 -10.44 30.49
N LYS A 346 -20.71 -10.89 31.37
CA LYS A 346 -20.06 -10.01 32.32
C LYS A 346 -19.29 -8.91 31.57
N GLU A 347 -18.56 -9.27 30.51
CA GLU A 347 -17.62 -8.34 29.89
C GLU A 347 -18.35 -7.31 29.02
N PHE A 348 -19.52 -7.66 28.49
CA PHE A 348 -20.21 -6.72 27.60
C PHE A 348 -21.44 -6.13 28.27
N SER A 349 -21.49 -6.13 29.60
CA SER A 349 -22.74 -5.69 30.21
C SER A 349 -22.97 -4.19 30.01
N GLU A 350 -21.89 -3.41 29.81
CA GLU A 350 -22.03 -1.96 29.73
C GLU A 350 -22.34 -1.50 28.30
N PHE A 351 -22.23 -2.43 27.31
CA PHE A 351 -22.49 -2.20 25.90
C PHE A 351 -24.00 -2.05 25.66
N SER B 15 8.86 -28.07 -29.08
CA SER B 15 10.13 -27.30 -29.27
C SER B 15 10.20 -26.10 -28.30
N VAL B 16 9.16 -25.98 -27.46
CA VAL B 16 9.21 -25.15 -26.27
C VAL B 16 10.15 -25.80 -25.26
N LYS B 17 10.27 -27.14 -25.34
CA LYS B 17 11.27 -27.92 -24.63
C LYS B 17 12.65 -27.76 -25.28
N GLU B 18 12.68 -27.63 -26.61
CA GLU B 18 13.93 -27.45 -27.34
C GLU B 18 14.55 -26.11 -26.95
N PHE B 19 13.72 -25.05 -26.93
CA PHE B 19 14.21 -23.70 -26.68
C PHE B 19 14.78 -23.57 -25.26
N LEU B 20 14.04 -24.05 -24.25
CA LEU B 20 14.40 -23.86 -22.86
C LEU B 20 15.64 -24.70 -22.50
N ALA B 21 15.91 -25.72 -23.31
CA ALA B 21 17.09 -26.56 -23.11
C ALA B 21 18.36 -25.82 -23.53
N LYS B 22 18.31 -25.10 -24.65
CA LYS B 22 19.47 -24.33 -25.08
C LYS B 22 19.76 -23.24 -24.05
N ALA B 23 18.68 -22.59 -23.57
CA ALA B 23 18.76 -21.50 -22.61
C ALA B 23 19.47 -21.95 -21.33
N LYS B 24 19.16 -23.17 -20.89
CA LYS B 24 19.75 -23.73 -19.68
C LYS B 24 21.24 -23.98 -19.87
N GLU B 25 21.63 -24.45 -21.06
CA GLU B 25 23.05 -24.62 -21.38
C GLU B 25 23.79 -23.30 -21.19
N ASP B 26 23.32 -22.23 -21.85
CA ASP B 26 23.93 -20.90 -21.76
C ASP B 26 23.98 -20.42 -20.31
N PHE B 27 22.84 -20.57 -19.64
CA PHE B 27 22.78 -20.08 -18.29
C PHE B 27 23.82 -20.77 -17.42
N LEU B 28 23.95 -22.10 -17.53
CA LEU B 28 24.87 -22.80 -16.64
C LEU B 28 26.33 -22.52 -17.03
N LYS B 29 26.58 -22.34 -18.34
CA LYS B 29 27.91 -21.93 -18.78
C LYS B 29 28.29 -20.67 -17.99
N LYS B 30 27.46 -19.63 -18.09
CA LYS B 30 27.82 -18.35 -17.50
C LYS B 30 27.74 -18.37 -15.98
N TRP B 31 26.94 -19.29 -15.41
CA TRP B 31 26.75 -19.30 -13.96
C TRP B 31 27.93 -19.95 -13.26
N GLU B 32 28.60 -20.89 -13.95
CA GLU B 32 29.66 -21.69 -13.34
C GLU B 32 30.94 -20.85 -13.29
N SER B 33 31.12 -19.96 -14.28
CA SER B 33 32.17 -18.95 -14.23
C SER B 33 31.66 -17.55 -14.63
N PRO B 34 31.36 -16.69 -13.63
CA PRO B 34 30.89 -15.33 -13.90
C PRO B 34 31.84 -14.49 -14.75
N ALA B 35 31.28 -13.66 -15.64
CA ALA B 35 32.01 -12.54 -16.22
C ALA B 35 32.36 -11.51 -15.14
N GLN B 36 33.54 -10.91 -15.26
CA GLN B 36 34.10 -10.08 -14.22
C GLN B 36 34.92 -8.97 -14.89
N ASN B 37 34.86 -7.77 -14.32
CA ASN B 37 35.76 -6.67 -14.65
C ASN B 37 35.74 -6.34 -16.14
N THR B 38 34.57 -6.03 -16.71
CA THR B 38 34.40 -5.94 -18.16
C THR B 38 34.30 -4.48 -18.65
N ALA B 39 34.63 -3.52 -17.78
CA ALA B 39 34.79 -2.13 -18.19
C ALA B 39 35.44 -1.38 -17.04
N HIS B 40 35.56 -0.06 -17.22
CA HIS B 40 36.19 0.79 -16.21
C HIS B 40 35.55 2.17 -16.31
N LEU B 41 35.72 2.97 -15.25
CA LEU B 41 34.92 4.17 -15.02
C LEU B 41 35.20 5.26 -16.07
N ASP B 42 36.48 5.39 -16.50
CA ASP B 42 36.81 6.49 -17.40
C ASP B 42 36.13 6.31 -18.76
N GLN B 43 35.45 5.18 -18.99
CA GLN B 43 34.85 4.98 -20.31
C GLN B 43 33.53 5.75 -20.43
N PHE B 44 33.03 6.29 -19.32
CA PHE B 44 31.68 6.84 -19.32
C PHE B 44 31.68 8.29 -18.84
N GLU B 45 30.95 9.15 -19.55
CA GLU B 45 30.58 10.47 -19.04
C GLU B 45 29.38 10.30 -18.12
N ARG B 46 29.38 11.07 -17.02
CA ARG B 46 28.29 11.05 -16.06
C ARG B 46 27.32 12.18 -16.39
N ILE B 47 26.05 11.81 -16.55
CA ILE B 47 25.07 12.76 -17.03
C ILE B 47 24.27 13.24 -15.83
N LYS B 48 23.63 12.32 -15.09
CA LYS B 48 22.71 12.75 -14.07
C LYS B 48 22.40 11.58 -13.13
N THR B 49 22.09 11.89 -11.86
CA THR B 49 21.68 10.89 -10.88
C THR B 49 20.18 10.58 -11.04
N LEU B 50 19.83 9.29 -11.26
CA LEU B 50 18.48 8.78 -11.49
C LEU B 50 17.81 8.26 -10.20
N GLY B 51 18.59 8.00 -9.15
CA GLY B 51 18.04 7.44 -7.93
C GLY B 51 19.12 7.28 -6.88
N THR B 52 18.72 7.32 -5.61
CA THR B 52 19.65 7.12 -4.50
C THR B 52 19.05 6.11 -3.54
N GLY B 53 19.94 5.40 -2.83
CA GLY B 53 19.56 4.42 -1.82
C GLY B 53 20.47 4.55 -0.61
N SER B 54 20.39 3.60 0.32
CA SER B 54 21.09 3.82 1.57
C SER B 54 22.52 3.28 1.49
N PHE B 55 22.83 2.60 0.37
CA PHE B 55 24.19 2.13 0.17
C PHE B 55 24.69 2.41 -1.24
N GLY B 56 24.02 3.31 -1.97
CA GLY B 56 24.49 3.59 -3.32
C GLY B 56 23.59 4.57 -4.07
N ARG B 57 23.85 4.71 -5.37
CA ARG B 57 23.05 5.60 -6.21
C ARG B 57 23.08 5.03 -7.63
N VAL B 58 22.15 5.48 -8.48
CA VAL B 58 22.14 5.06 -9.87
C VAL B 58 22.32 6.31 -10.71
N MET B 59 23.28 6.29 -11.68
CA MET B 59 23.53 7.44 -12.54
C MET B 59 23.29 7.08 -14.01
N LEU B 60 22.65 7.97 -14.77
CA LEU B 60 22.72 7.90 -16.23
C LEU B 60 24.14 8.28 -16.68
N VAL B 61 24.71 7.45 -17.56
CA VAL B 61 26.04 7.69 -18.11
C VAL B 61 25.94 7.43 -19.60
N LYS B 62 26.94 7.91 -20.33
CA LYS B 62 27.01 7.75 -21.78
C LYS B 62 28.39 7.18 -22.14
N HIS B 63 28.42 6.07 -22.86
CA HIS B 63 29.67 5.44 -23.25
C HIS B 63 30.37 6.32 -24.28
N LYS B 64 31.64 6.69 -23.99
CA LYS B 64 32.38 7.64 -24.81
C LYS B 64 32.52 7.12 -26.25
N GLU B 65 32.86 5.84 -26.41
CA GLU B 65 33.10 5.26 -27.73
C GLU B 65 31.80 5.18 -28.56
N THR B 66 30.74 4.57 -28.02
CA THR B 66 29.60 4.14 -28.83
C THR B 66 28.45 5.17 -28.80
N GLY B 67 28.36 5.95 -27.73
CA GLY B 67 27.27 6.90 -27.62
C GLY B 67 26.05 6.33 -26.90
N ASN B 68 26.16 5.09 -26.41
CA ASN B 68 25.00 4.43 -25.83
C ASN B 68 24.82 4.90 -24.39
N HIS B 69 23.56 5.04 -23.98
CA HIS B 69 23.23 5.43 -22.62
C HIS B 69 23.08 4.19 -21.74
N TYR B 70 23.50 4.30 -20.49
CA TYR B 70 23.31 3.19 -19.56
C TYR B 70 22.96 3.78 -18.20
N ALA B 71 22.31 2.94 -17.38
CA ALA B 71 22.06 3.25 -15.99
C ALA B 71 23.12 2.48 -15.22
N MET B 72 23.93 3.21 -14.43
CA MET B 72 25.11 2.68 -13.76
C MET B 72 24.86 2.65 -12.25
N LYS B 73 24.66 1.46 -11.68
CA LYS B 73 24.43 1.45 -10.24
C LYS B 73 25.80 1.49 -9.56
N ILE B 74 25.99 2.44 -8.63
CA ILE B 74 27.26 2.55 -7.90
C ILE B 74 27.04 2.23 -6.43
N LEU B 75 27.60 1.12 -5.98
CA LEU B 75 27.38 0.68 -4.61
C LEU B 75 28.67 0.88 -3.82
N ASP B 76 28.56 1.53 -2.67
CA ASP B 76 29.69 1.81 -1.79
C ASP B 76 29.92 0.59 -0.88
N LYS B 77 31.09 -0.04 -1.03
CA LYS B 77 31.42 -1.32 -0.40
C LYS B 77 31.32 -1.24 1.12
N GLN B 78 31.82 -0.15 1.71
CA GLN B 78 31.75 -0.03 3.16
C GLN B 78 30.29 -0.02 3.62
N LYS B 79 29.42 0.67 2.88
CA LYS B 79 28.02 0.82 3.26
C LYS B 79 27.29 -0.50 3.04
N VAL B 80 27.63 -1.19 1.95
CA VAL B 80 27.06 -2.52 1.71
C VAL B 80 27.40 -3.44 2.88
N VAL B 81 28.60 -3.32 3.46
CA VAL B 81 29.06 -4.22 4.53
C VAL B 81 28.29 -3.90 5.80
N LYS B 82 28.21 -2.61 6.15
CA LYS B 82 27.57 -2.20 7.39
C LYS B 82 26.14 -2.71 7.42
N LEU B 83 25.49 -2.67 6.25
CA LEU B 83 24.05 -2.93 6.12
C LEU B 83 23.77 -4.37 5.69
N LYS B 84 24.80 -5.22 5.73
CA LYS B 84 24.65 -6.67 5.62
C LYS B 84 24.02 -7.08 4.27
N GLN B 85 24.48 -6.45 3.18
CA GLN B 85 23.94 -6.75 1.86
C GLN B 85 25.00 -7.45 1.02
N ILE B 86 26.01 -8.04 1.67
CA ILE B 86 27.09 -8.62 0.87
C ILE B 86 26.49 -9.68 -0.05
N GLU B 87 25.75 -10.63 0.53
CA GLU B 87 25.37 -11.81 -0.25
C GLU B 87 24.33 -11.41 -1.29
N HIS B 88 23.38 -10.55 -0.89
CA HIS B 88 22.37 -10.03 -1.82
C HIS B 88 23.05 -9.42 -3.04
N THR B 89 23.97 -8.48 -2.78
CA THR B 89 24.74 -7.78 -3.81
C THR B 89 25.46 -8.78 -4.73
N LEU B 90 26.20 -9.73 -4.14
CA LEU B 90 26.96 -10.69 -4.93
C LEU B 90 26.04 -11.55 -5.82
N ASN B 91 24.94 -12.02 -5.23
CA ASN B 91 23.98 -12.90 -5.89
C ASN B 91 23.33 -12.20 -7.10
N GLU B 92 22.95 -10.91 -6.94
CA GLU B 92 22.27 -10.15 -7.99
C GLU B 92 23.16 -10.05 -9.23
N LYS B 93 24.40 -9.61 -9.02
CA LYS B 93 25.33 -9.49 -10.13
C LYS B 93 25.51 -10.86 -10.79
N ARG B 94 25.72 -11.90 -9.94
CA ARG B 94 25.96 -13.23 -10.46
C ARG B 94 24.79 -13.75 -11.31
N ILE B 95 23.55 -13.46 -10.90
CA ILE B 95 22.40 -13.92 -11.65
C ILE B 95 22.29 -13.10 -12.93
N LEU B 96 22.48 -11.77 -12.84
CA LEU B 96 22.15 -10.91 -13.97
C LEU B 96 23.16 -11.08 -15.10
N GLN B 97 24.39 -11.50 -14.79
CA GLN B 97 25.33 -11.67 -15.89
C GLN B 97 25.03 -12.99 -16.61
N ALA B 98 24.21 -13.82 -15.98
CA ALA B 98 24.07 -15.17 -16.50
C ALA B 98 22.76 -15.32 -17.28
N VAL B 99 21.74 -14.54 -16.90
CA VAL B 99 20.41 -14.74 -17.48
C VAL B 99 20.32 -13.96 -18.78
N ASN B 100 19.29 -14.29 -19.57
CA ASN B 100 19.12 -13.60 -20.83
C ASN B 100 17.70 -13.80 -21.36
N PHE B 101 16.86 -12.76 -21.33
CA PHE B 101 15.47 -12.91 -21.69
C PHE B 101 14.85 -11.54 -21.95
N PRO B 102 13.93 -11.41 -22.91
CA PRO B 102 13.45 -10.09 -23.29
C PRO B 102 13.01 -9.16 -22.14
N PHE B 103 12.64 -9.71 -20.97
CA PHE B 103 12.04 -8.85 -19.96
C PHE B 103 12.86 -8.81 -18.68
N LEU B 104 14.13 -9.22 -18.75
CA LEU B 104 15.08 -8.98 -17.68
C LEU B 104 16.03 -7.85 -18.11
N VAL B 105 16.27 -6.91 -17.21
CA VAL B 105 17.19 -5.84 -17.53
C VAL B 105 18.53 -6.44 -17.94
N LYS B 106 19.17 -5.88 -18.97
CA LYS B 106 20.39 -6.41 -19.51
C LYS B 106 21.59 -5.77 -18.80
N LEU B 107 22.38 -6.58 -18.10
CA LEU B 107 23.62 -6.11 -17.49
C LEU B 107 24.70 -6.12 -18.56
N GLU B 108 25.21 -4.94 -18.97
CA GLU B 108 26.15 -4.96 -20.08
C GLU B 108 27.56 -5.11 -19.55
N PHE B 109 27.86 -4.51 -18.40
CA PHE B 109 29.20 -4.60 -17.87
C PHE B 109 29.18 -4.51 -16.35
N SER B 110 30.30 -4.84 -15.72
CA SER B 110 30.41 -4.71 -14.27
C SER B 110 31.88 -4.67 -13.88
N PHE B 111 32.20 -4.06 -12.75
CA PHE B 111 33.58 -3.92 -12.33
C PHE B 111 33.60 -3.33 -10.93
N LYS B 112 34.76 -3.33 -10.27
CA LYS B 112 34.86 -2.70 -8.97
C LYS B 112 36.15 -1.90 -8.85
N ASP B 113 36.27 -1.09 -7.79
CA ASP B 113 37.52 -0.39 -7.52
C ASP B 113 37.74 -0.32 -6.01
N ASN B 114 38.64 0.56 -5.56
CA ASN B 114 38.94 0.54 -4.14
C ASN B 114 37.67 0.79 -3.34
N SER B 115 36.72 1.49 -3.98
CA SER B 115 35.63 2.13 -3.26
C SER B 115 34.26 1.51 -3.52
N ASN B 116 34.00 1.11 -4.77
CA ASN B 116 32.65 0.89 -5.22
C ASN B 116 32.54 -0.38 -6.06
N LEU B 117 31.34 -0.99 -6.06
CA LEU B 117 30.94 -1.92 -7.10
C LEU B 117 30.10 -1.16 -8.13
N TYR B 118 30.10 -1.63 -9.39
CA TYR B 118 29.43 -0.95 -10.49
C TYR B 118 28.69 -1.98 -11.33
N MET B 119 27.43 -1.67 -11.65
CA MET B 119 26.67 -2.47 -12.58
C MET B 119 26.12 -1.57 -13.67
N VAL B 120 26.59 -1.81 -14.90
CA VAL B 120 26.21 -0.98 -16.01
C VAL B 120 25.13 -1.71 -16.78
N MET B 121 23.89 -1.24 -16.65
CA MET B 121 22.75 -1.87 -17.29
C MET B 121 22.19 -0.95 -18.35
N GLU B 122 21.52 -1.52 -19.35
CA GLU B 122 20.85 -0.75 -20.37
C GLU B 122 19.86 0.22 -19.72
N TYR B 123 19.85 1.47 -20.20
CA TYR B 123 18.96 2.50 -19.66
C TYR B 123 17.50 2.15 -19.98
N VAL B 124 16.67 2.06 -18.94
CA VAL B 124 15.23 1.82 -19.09
C VAL B 124 14.53 3.10 -18.66
N PRO B 125 14.15 3.97 -19.62
CA PRO B 125 13.83 5.36 -19.29
C PRO B 125 12.41 5.66 -18.85
N GLY B 126 11.53 4.65 -18.74
CA GLY B 126 10.15 4.93 -18.38
C GLY B 126 9.91 4.99 -16.87
N GLY B 127 10.89 4.62 -16.04
CA GLY B 127 10.64 4.53 -14.60
C GLY B 127 9.77 3.32 -14.21
N GLU B 128 9.35 3.23 -12.94
CA GLU B 128 8.83 2.01 -12.36
C GLU B 128 7.31 1.94 -12.49
N MET B 129 6.77 0.72 -12.45
CA MET B 129 5.33 0.59 -12.51
C MET B 129 4.69 1.22 -11.28
N PHE B 130 5.35 1.13 -10.12
CA PHE B 130 4.80 1.74 -8.93
C PHE B 130 4.46 3.22 -9.16
N SER B 131 5.40 3.99 -9.71
CA SER B 131 5.16 5.40 -9.92
C SER B 131 3.98 5.63 -10.85
N HIS B 132 3.86 4.77 -11.86
CA HIS B 132 2.78 4.88 -12.84
C HIS B 132 1.43 4.56 -12.20
N LEU B 133 1.37 3.53 -11.34
CA LEU B 133 0.14 3.24 -10.59
C LEU B 133 -0.29 4.41 -9.71
N ARG B 134 0.65 4.99 -8.94
CA ARG B 134 0.28 6.04 -8.00
C ARG B 134 0.02 7.37 -8.72
N ARG B 135 0.37 7.46 -10.00
CA ARG B 135 0.12 8.73 -10.69
C ARG B 135 -1.20 8.68 -11.47
N ILE B 136 -1.48 7.54 -12.10
CA ILE B 136 -2.49 7.44 -13.14
C ILE B 136 -3.65 6.58 -12.64
N GLY B 137 -3.41 5.84 -11.55
CA GLY B 137 -4.41 4.94 -10.99
C GLY B 137 -4.39 3.57 -11.67
N ARG B 138 -5.43 2.76 -11.42
CA ARG B 138 -5.45 1.36 -11.77
C ARG B 138 -5.49 1.20 -13.30
N PHE B 139 -5.07 0.04 -13.78
CA PHE B 139 -5.14 -0.27 -15.20
C PHE B 139 -6.44 -1.02 -15.52
N SER B 140 -6.92 -0.82 -16.75
CA SER B 140 -7.96 -1.66 -17.30
C SER B 140 -7.48 -3.12 -17.35
N GLU B 141 -8.43 -4.06 -17.43
CA GLU B 141 -8.07 -5.46 -17.55
C GLU B 141 -7.16 -5.71 -18.74
N PRO B 142 -7.50 -5.24 -19.96
CA PRO B 142 -6.63 -5.44 -21.12
C PRO B 142 -5.21 -4.92 -20.87
N HIS B 143 -5.09 -3.76 -20.22
CA HIS B 143 -3.77 -3.23 -19.91
C HIS B 143 -3.07 -4.08 -18.85
N ALA B 144 -3.79 -4.52 -17.81
CA ALA B 144 -3.18 -5.41 -16.83
C ALA B 144 -2.71 -6.68 -17.52
N ARG B 145 -3.52 -7.20 -18.46
CA ARG B 145 -3.26 -8.48 -19.11
C ARG B 145 -1.94 -8.47 -19.88
N PHE B 146 -1.65 -7.36 -20.59
CA PHE B 146 -0.42 -7.23 -21.36
C PHE B 146 0.79 -7.41 -20.46
N TYR B 147 0.79 -6.77 -19.29
CA TYR B 147 1.94 -6.86 -18.40
C TYR B 147 2.03 -8.21 -17.70
N ALA B 148 0.87 -8.76 -17.30
CA ALA B 148 0.79 -10.08 -16.71
C ALA B 148 1.46 -11.12 -17.61
N ALA B 149 1.18 -11.05 -18.92
CA ALA B 149 1.70 -12.04 -19.85
C ALA B 149 3.22 -12.01 -19.87
N GLN B 150 3.78 -10.81 -19.72
CA GLN B 150 5.23 -10.73 -19.70
C GLN B 150 5.80 -11.41 -18.46
N ILE B 151 5.11 -11.28 -17.31
CA ILE B 151 5.57 -11.92 -16.07
C ILE B 151 5.42 -13.43 -16.19
N VAL B 152 4.36 -13.89 -16.85
CA VAL B 152 4.15 -15.33 -17.04
C VAL B 152 5.30 -15.92 -17.85
N LEU B 153 5.65 -15.30 -18.98
CA LEU B 153 6.79 -15.79 -19.75
C LEU B 153 8.06 -15.72 -18.92
N THR B 154 8.24 -14.67 -18.12
CA THR B 154 9.49 -14.51 -17.39
C THR B 154 9.66 -15.58 -16.30
N PHE B 155 8.58 -15.90 -15.57
CA PHE B 155 8.68 -16.89 -14.51
C PHE B 155 8.89 -18.26 -15.13
N GLU B 156 8.28 -18.46 -16.32
CA GLU B 156 8.47 -19.73 -16.99
C GLU B 156 9.96 -19.91 -17.25
N TYR B 157 10.60 -18.89 -17.84
CA TYR B 157 12.02 -18.93 -18.11
C TYR B 157 12.81 -19.09 -16.81
N LEU B 158 12.50 -18.27 -15.80
CA LEU B 158 13.30 -18.31 -14.59
C LEU B 158 13.21 -19.69 -13.93
N HIS B 159 12.05 -20.36 -14.06
CA HIS B 159 11.84 -21.61 -13.33
C HIS B 159 12.53 -22.77 -14.04
N SER B 160 12.60 -22.70 -15.36
CA SER B 160 13.32 -23.70 -16.11
C SER B 160 14.79 -23.70 -15.69
N LEU B 161 15.25 -22.64 -15.02
CA LEU B 161 16.62 -22.59 -14.52
C LEU B 161 16.64 -22.84 -13.02
N ASP B 162 15.47 -23.11 -12.41
CA ASP B 162 15.38 -23.48 -10.99
C ASP B 162 15.63 -22.27 -10.10
N LEU B 163 15.38 -21.07 -10.64
CA LEU B 163 15.51 -19.86 -9.84
C LEU B 163 14.12 -19.53 -9.31
N ILE B 164 14.08 -19.13 -8.03
CA ILE B 164 12.85 -18.56 -7.49
C ILE B 164 13.08 -17.07 -7.42
N TYR B 165 12.08 -16.30 -7.89
CA TYR B 165 12.26 -14.87 -7.94
C TYR B 165 12.00 -14.28 -6.57
N ARG B 166 10.78 -14.47 -6.08
CA ARG B 166 10.37 -14.17 -4.71
C ARG B 166 10.60 -12.72 -4.29
N ASP B 167 10.47 -11.78 -5.24
CA ASP B 167 10.48 -10.37 -4.90
C ASP B 167 9.54 -9.60 -5.83
N LEU B 168 8.55 -10.28 -6.40
CA LEU B 168 7.63 -9.61 -7.29
C LEU B 168 6.97 -8.46 -6.53
N LYS B 169 6.97 -7.28 -7.18
CA LYS B 169 6.10 -6.18 -6.81
C LYS B 169 6.30 -5.06 -7.82
N PRO B 170 5.36 -4.11 -7.92
CA PRO B 170 5.44 -3.03 -8.90
C PRO B 170 6.70 -2.18 -8.91
N GLU B 171 7.37 -1.98 -7.75
CA GLU B 171 8.56 -1.12 -7.63
C GLU B 171 9.69 -1.72 -8.47
N ASN B 172 9.60 -3.04 -8.72
CA ASN B 172 10.68 -3.77 -9.35
C ASN B 172 10.43 -3.93 -10.84
N LEU B 173 9.42 -3.28 -11.40
CA LEU B 173 9.17 -3.40 -12.83
C LEU B 173 9.34 -2.03 -13.49
N LEU B 174 10.35 -1.91 -14.35
CA LEU B 174 10.63 -0.68 -15.09
C LEU B 174 10.00 -0.77 -16.47
N ILE B 175 9.57 0.37 -17.00
CA ILE B 175 8.90 0.43 -18.30
C ILE B 175 9.89 0.98 -19.30
N ASP B 176 10.15 0.26 -20.40
CA ASP B 176 11.10 0.77 -21.38
C ASP B 176 10.37 1.64 -22.41
N GLN B 177 11.11 2.03 -23.46
CA GLN B 177 10.74 2.99 -24.48
C GLN B 177 9.56 2.52 -25.32
N GLN B 178 9.40 1.20 -25.49
CA GLN B 178 8.26 0.62 -26.19
C GLN B 178 7.13 0.26 -25.24
N GLY B 179 7.31 0.46 -23.92
CA GLY B 179 6.23 0.18 -22.98
C GLY B 179 6.17 -1.26 -22.45
N TYR B 180 7.23 -2.04 -22.70
CA TYR B 180 7.38 -3.38 -22.15
C TYR B 180 8.08 -3.35 -20.78
N ILE B 181 7.82 -4.37 -19.95
CA ILE B 181 8.42 -4.56 -18.66
C ILE B 181 9.91 -4.90 -18.79
N GLN B 182 10.70 -4.47 -17.80
CA GLN B 182 12.00 -5.03 -17.50
C GLN B 182 12.13 -5.27 -16.00
N VAL B 183 12.56 -6.47 -15.60
CA VAL B 183 12.74 -6.76 -14.18
C VAL B 183 14.17 -6.42 -13.73
N THR B 184 14.31 -5.78 -12.56
N THR B 184 14.24 -5.69 -12.60
CA THR B 184 15.61 -5.21 -12.22
CA THR B 184 15.45 -5.59 -11.78
C THR B 184 16.30 -5.91 -11.03
C THR B 184 15.18 -6.17 -10.39
N ASP B 185 15.53 -6.30 -10.01
N ASP B 185 16.19 -6.04 -9.52
CA ASP B 185 16.08 -6.68 -8.71
CA ASP B 185 16.17 -6.62 -8.20
C ASP B 185 16.17 -8.20 -8.58
C ASP B 185 16.17 -8.14 -8.32
N PHE B 186 17.36 -8.71 -8.25
CA PHE B 186 17.54 -10.15 -8.18
C PHE B 186 18.35 -10.56 -6.95
N GLY B 187 18.43 -9.67 -5.96
CA GLY B 187 19.20 -9.91 -4.76
C GLY B 187 18.61 -11.03 -3.90
N PHE B 188 17.28 -11.15 -3.89
CA PHE B 188 16.65 -12.20 -3.09
C PHE B 188 16.53 -13.52 -3.86
N ALA B 189 16.67 -13.49 -5.19
CA ALA B 189 16.51 -14.69 -6.00
C ALA B 189 17.51 -15.75 -5.53
N LYS B 190 17.09 -17.03 -5.58
CA LYS B 190 17.90 -18.14 -5.17
C LYS B 190 17.69 -19.31 -6.12
N ARG B 191 18.79 -20.00 -6.50
CA ARG B 191 18.71 -21.28 -7.20
C ARG B 191 18.28 -22.39 -6.24
N VAL B 192 17.21 -23.12 -6.57
CA VAL B 192 16.63 -24.09 -5.65
C VAL B 192 15.98 -25.22 -6.44
N LYS B 193 16.60 -26.41 -6.44
CA LYS B 193 15.84 -27.63 -6.68
C LYS B 193 15.47 -28.17 -5.30
N GLY B 194 14.18 -28.20 -4.99
CA GLY B 194 13.80 -28.68 -3.67
C GLY B 194 13.00 -27.63 -2.90
N ARG B 195 13.53 -27.20 -1.74
CA ARG B 195 12.80 -26.24 -0.95
C ARG B 195 13.79 -25.34 -0.21
N THR B 196 13.26 -24.28 0.41
CA THR B 196 14.04 -23.27 1.12
C THR B 196 13.11 -22.60 2.12
N TRP B 197 13.68 -21.74 2.99
CA TRP B 197 12.96 -21.27 4.18
C TRP B 197 13.10 -19.76 4.41
N TPO B 198 14.04 -19.06 3.77
CA TPO B 198 14.26 -17.67 4.16
CB TPO B 198 15.44 -17.00 3.43
CG2 TPO B 198 15.86 -15.70 4.09
OG1 TPO B 198 16.59 -17.89 3.37
P TPO B 198 16.94 -18.59 2.01
O1P TPO B 198 15.63 -19.03 1.40
O2P TPO B 198 17.86 -19.75 2.32
O3P TPO B 198 17.65 -17.51 1.18
C TPO B 198 12.97 -16.85 3.94
O TPO B 198 12.32 -16.90 2.90
N LEU B 199 12.65 -16.05 4.95
CA LEU B 199 11.51 -15.16 4.88
C LEU B 199 11.96 -13.83 4.27
N CYS B 200 11.72 -13.65 2.98
CA CYS B 200 12.05 -12.38 2.36
C CYS B 200 10.91 -11.96 1.45
N GLY B 201 10.81 -10.65 1.18
CA GLY B 201 9.73 -10.13 0.35
C GLY B 201 8.90 -9.14 1.14
N THR B 202 8.10 -8.31 0.45
CA THR B 202 7.22 -7.45 1.25
C THR B 202 6.04 -8.30 1.71
N PRO B 203 5.53 -8.02 2.92
CA PRO B 203 4.38 -8.76 3.47
C PRO B 203 3.25 -9.03 2.46
N GLU B 204 2.92 -8.02 1.64
CA GLU B 204 1.70 -8.05 0.84
C GLU B 204 1.74 -9.11 -0.26
N TYR B 205 2.93 -9.57 -0.63
CA TYR B 205 3.09 -10.46 -1.77
C TYR B 205 3.45 -11.88 -1.32
N LEU B 206 3.58 -12.08 0.00
CA LEU B 206 4.04 -13.36 0.55
C LEU B 206 2.99 -14.43 0.38
N ALA B 207 3.38 -15.63 -0.08
CA ALA B 207 2.50 -16.79 -0.19
C ALA B 207 2.30 -17.43 1.19
N PRO B 208 1.19 -18.17 1.43
CA PRO B 208 0.93 -18.76 2.76
C PRO B 208 2.06 -19.62 3.30
N GLU B 209 2.62 -20.48 2.44
CA GLU B 209 3.62 -21.45 2.85
C GLU B 209 4.91 -20.76 3.30
N ILE B 210 5.10 -19.50 2.88
CA ILE B 210 6.26 -18.79 3.38
C ILE B 210 6.02 -18.45 4.84
N ILE B 211 4.83 -17.89 5.13
CA ILE B 211 4.44 -17.43 6.45
C ILE B 211 4.39 -18.59 7.46
N LEU B 212 3.92 -19.77 7.01
CA LEU B 212 3.74 -20.97 7.83
C LEU B 212 5.05 -21.66 8.15
N SER B 213 6.15 -21.29 7.48
CA SER B 213 7.47 -21.54 8.04
C SER B 213 7.95 -22.99 7.91
N LYS B 214 7.28 -23.83 7.13
CA LYS B 214 7.69 -25.22 6.99
C LYS B 214 8.42 -25.46 5.66
N GLY B 215 8.72 -24.38 4.91
CA GLY B 215 9.50 -24.47 3.68
C GLY B 215 8.64 -24.25 2.43
N TYR B 216 9.27 -23.83 1.31
CA TYR B 216 8.51 -23.46 0.12
C TYR B 216 9.33 -23.71 -1.14
N ASN B 217 8.65 -23.70 -2.29
CA ASN B 217 9.36 -23.86 -3.54
C ASN B 217 8.92 -22.79 -4.53
N LYS B 218 9.11 -23.05 -5.83
CA LYS B 218 8.89 -22.05 -6.85
C LYS B 218 7.42 -21.65 -6.92
N ALA B 219 6.53 -22.41 -6.28
CA ALA B 219 5.11 -22.11 -6.40
C ALA B 219 4.77 -20.74 -5.82
N VAL B 220 5.66 -20.12 -5.03
CA VAL B 220 5.37 -18.83 -4.42
C VAL B 220 5.33 -17.72 -5.49
N ASP B 221 6.04 -17.91 -6.60
CA ASP B 221 6.04 -16.93 -7.67
C ASP B 221 4.64 -16.83 -8.30
N TRP B 222 3.96 -17.99 -8.38
CA TRP B 222 2.65 -18.03 -9.00
C TRP B 222 1.59 -17.35 -8.13
N TRP B 223 1.70 -17.51 -6.79
CA TRP B 223 0.92 -16.71 -5.85
C TRP B 223 1.21 -15.22 -6.04
N ALA B 224 2.51 -14.89 -6.12
CA ALA B 224 2.88 -13.49 -6.20
C ALA B 224 2.34 -12.89 -7.50
N LEU B 225 2.29 -13.71 -8.56
CA LEU B 225 1.76 -13.24 -9.85
C LEU B 225 0.30 -12.81 -9.71
N GLY B 226 -0.48 -13.61 -8.97
CA GLY B 226 -1.86 -13.25 -8.68
C GLY B 226 -2.03 -11.93 -7.95
N VAL B 227 -1.22 -11.69 -6.90
CA VAL B 227 -1.23 -10.42 -6.20
C VAL B 227 -0.97 -9.26 -7.17
N LEU B 228 0.05 -9.44 -8.03
CA LEU B 228 0.37 -8.38 -8.96
C LEU B 228 -0.81 -8.09 -9.89
N ILE B 229 -1.45 -9.11 -10.45
CA ILE B 229 -2.49 -8.86 -11.42
C ILE B 229 -3.63 -8.13 -10.72
N TYR B 230 -3.89 -8.54 -9.46
CA TYR B 230 -4.93 -7.93 -8.64
C TYR B 230 -4.57 -6.47 -8.42
N GLU B 231 -3.34 -6.19 -8.03
CA GLU B 231 -3.02 -4.80 -7.76
C GLU B 231 -3.10 -3.93 -9.03
N MET B 232 -2.68 -4.47 -10.17
CA MET B 232 -2.74 -3.68 -11.39
C MET B 232 -4.19 -3.33 -11.75
N ALA B 233 -5.11 -4.30 -11.62
CA ALA B 233 -6.50 -4.14 -12.05
C ALA B 233 -7.30 -3.37 -11.02
N ALA B 234 -6.92 -3.47 -9.73
CA ALA B 234 -7.69 -2.83 -8.68
C ALA B 234 -7.00 -1.54 -8.22
N GLY B 235 -5.66 -1.53 -8.14
CA GLY B 235 -4.97 -0.36 -7.59
C GLY B 235 -4.44 -0.59 -6.17
N TYR B 236 -4.89 -1.70 -5.56
CA TYR B 236 -4.43 -2.09 -4.25
C TYR B 236 -4.31 -3.61 -4.26
N PRO B 237 -3.45 -4.22 -3.43
CA PRO B 237 -3.28 -5.68 -3.45
C PRO B 237 -4.42 -6.25 -2.60
N PRO B 238 -4.71 -7.57 -2.65
CA PRO B 238 -5.90 -8.12 -1.98
C PRO B 238 -5.81 -8.14 -0.46
N PHE B 239 -4.59 -8.28 0.07
CA PHE B 239 -4.38 -8.41 1.50
C PHE B 239 -3.65 -7.19 2.05
N PHE B 240 -4.41 -6.29 2.70
CA PHE B 240 -3.84 -5.08 3.30
C PHE B 240 -4.50 -4.80 4.65
N ALA B 241 -3.73 -4.21 5.56
CA ALA B 241 -4.15 -3.96 6.93
C ALA B 241 -3.08 -3.15 7.69
N ASP B 242 -3.35 -2.86 8.97
CA ASP B 242 -2.47 -2.05 9.80
C ASP B 242 -1.15 -2.77 10.11
N GLN B 243 -1.21 -3.98 10.66
CA GLN B 243 0.03 -4.58 11.13
C GLN B 243 0.33 -5.82 10.29
N PRO B 244 1.60 -6.16 10.06
CA PRO B 244 1.95 -7.36 9.29
C PRO B 244 1.20 -8.60 9.75
N ILE B 245 0.98 -8.71 11.06
CA ILE B 245 0.31 -9.89 11.59
C ILE B 245 -1.12 -9.96 11.02
N GLN B 246 -1.79 -8.82 10.88
CA GLN B 246 -3.15 -8.81 10.35
C GLN B 246 -3.14 -9.19 8.86
N ILE B 247 -2.09 -8.76 8.15
CA ILE B 247 -1.92 -9.10 6.74
C ILE B 247 -1.74 -10.60 6.57
N TYR B 248 -0.80 -11.23 7.30
CA TYR B 248 -0.64 -12.69 7.28
C TYR B 248 -1.95 -13.44 7.57
N GLU B 249 -2.71 -13.01 8.58
CA GLU B 249 -3.98 -13.66 8.91
C GLU B 249 -4.88 -13.73 7.67
N LYS B 250 -4.98 -12.61 6.94
CA LYS B 250 -5.80 -12.53 5.73
C LYS B 250 -5.32 -13.51 4.67
N ILE B 251 -4.00 -13.54 4.45
CA ILE B 251 -3.33 -14.37 3.47
C ILE B 251 -3.65 -15.84 3.69
N VAL B 252 -3.30 -16.39 4.87
CA VAL B 252 -3.50 -17.82 5.13
C VAL B 252 -5.00 -18.15 5.26
N SER B 253 -5.87 -17.15 5.40
CA SER B 253 -7.28 -17.43 5.65
C SER B 253 -7.90 -18.26 4.54
N GLY B 254 -7.55 -17.99 3.29
CA GLY B 254 -8.18 -18.72 2.19
C GLY B 254 -9.36 -17.96 1.58
N LYS B 255 -9.51 -16.68 1.98
CA LYS B 255 -10.54 -15.80 1.46
C LYS B 255 -9.90 -14.62 0.72
N VAL B 256 -10.58 -14.13 -0.34
CA VAL B 256 -10.14 -12.98 -1.11
C VAL B 256 -11.34 -12.09 -1.42
N ARG B 257 -11.27 -10.82 -1.04
CA ARG B 257 -12.23 -9.82 -1.49
C ARG B 257 -11.97 -9.48 -2.96
N PHE B 258 -13.04 -9.22 -3.73
CA PHE B 258 -12.91 -8.85 -5.13
C PHE B 258 -13.63 -7.54 -5.39
N PRO B 259 -13.03 -6.57 -6.11
CA PRO B 259 -13.76 -5.37 -6.53
C PRO B 259 -14.92 -5.75 -7.45
N SER B 260 -15.98 -4.94 -7.43
CA SER B 260 -17.17 -5.24 -8.20
C SER B 260 -16.92 -5.22 -9.71
N HIS B 261 -15.89 -4.52 -10.17
CA HIS B 261 -15.67 -4.36 -11.61
C HIS B 261 -14.82 -5.47 -12.22
N PHE B 262 -14.19 -6.31 -11.39
CA PHE B 262 -13.46 -7.46 -11.91
C PHE B 262 -14.40 -8.35 -12.71
N SER B 263 -13.95 -8.80 -13.88
CA SER B 263 -14.68 -9.77 -14.68
C SER B 263 -14.72 -11.15 -14.03
N SER B 264 -15.76 -11.93 -14.38
CA SER B 264 -15.86 -13.33 -14.03
C SER B 264 -14.55 -14.04 -14.29
N ASP B 265 -14.07 -13.95 -15.54
CA ASP B 265 -12.87 -14.61 -15.97
C ASP B 265 -11.69 -14.28 -15.04
N LEU B 266 -11.53 -13.00 -14.70
CA LEU B 266 -10.39 -12.61 -13.89
C LEU B 266 -10.52 -13.23 -12.51
N LYS B 267 -11.72 -13.16 -11.92
CA LYS B 267 -11.92 -13.72 -10.59
C LYS B 267 -11.56 -15.22 -10.56
N ASP B 268 -11.99 -15.95 -11.59
CA ASP B 268 -11.64 -17.35 -11.71
C ASP B 268 -10.11 -17.50 -11.73
N LEU B 269 -9.42 -16.72 -12.55
CA LEU B 269 -7.97 -16.93 -12.65
C LEU B 269 -7.31 -16.66 -11.29
N LEU B 270 -7.79 -15.61 -10.59
CA LEU B 270 -7.14 -15.18 -9.37
C LEU B 270 -7.37 -16.21 -8.27
N ARG B 271 -8.52 -16.93 -8.28
CA ARG B 271 -8.78 -17.96 -7.27
C ARG B 271 -7.86 -19.16 -7.47
N ASN B 272 -7.41 -19.42 -8.70
CA ASN B 272 -6.53 -20.54 -8.93
C ASN B 272 -5.07 -20.13 -8.75
N LEU B 273 -4.78 -18.82 -8.83
CA LEU B 273 -3.45 -18.32 -8.49
C LEU B 273 -3.33 -18.10 -6.98
N LEU B 274 -4.28 -17.41 -6.34
CA LEU B 274 -4.25 -17.13 -4.92
C LEU B 274 -4.90 -18.29 -4.16
N GLN B 275 -4.44 -19.51 -4.46
CA GLN B 275 -4.91 -20.75 -3.87
C GLN B 275 -3.96 -21.17 -2.76
N VAL B 276 -4.44 -21.19 -1.50
CA VAL B 276 -3.61 -21.49 -0.34
C VAL B 276 -3.02 -22.89 -0.43
N ASP B 277 -3.71 -23.79 -1.12
CA ASP B 277 -3.27 -25.17 -1.16
C ASP B 277 -2.41 -25.37 -2.41
N LEU B 278 -1.10 -25.49 -2.18
CA LEU B 278 -0.18 -25.45 -3.29
C LEU B 278 -0.29 -26.74 -4.11
N THR B 279 -1.24 -27.61 -3.76
CA THR B 279 -1.46 -28.77 -4.62
C THR B 279 -2.57 -28.46 -5.62
N LYS B 280 -3.27 -27.33 -5.45
CA LYS B 280 -4.31 -26.95 -6.40
C LYS B 280 -3.91 -25.69 -7.18
N ARG B 281 -2.77 -25.08 -6.83
CA ARG B 281 -2.43 -23.78 -7.40
C ARG B 281 -1.97 -23.93 -8.84
N PHE B 282 -2.51 -23.11 -9.73
CA PHE B 282 -2.10 -23.06 -11.13
C PHE B 282 -0.62 -22.72 -11.22
N GLY B 283 0.07 -23.33 -12.18
CA GLY B 283 1.51 -23.21 -12.27
C GLY B 283 2.22 -24.43 -11.72
N ASN B 284 1.64 -25.03 -10.66
CA ASN B 284 2.23 -26.13 -9.91
C ASN B 284 1.55 -27.46 -10.21
N LEU B 285 0.83 -27.58 -11.32
CA LEU B 285 0.03 -28.76 -11.60
C LEU B 285 0.54 -29.49 -12.82
N LYS B 286 -0.34 -30.32 -13.40
CA LYS B 286 0.02 -31.28 -14.43
C LYS B 286 0.50 -30.54 -15.68
N ASN B 287 -0.19 -29.45 -16.05
CA ASN B 287 0.14 -28.79 -17.30
C ASN B 287 1.01 -27.56 -17.07
N GLY B 288 1.65 -27.47 -15.88
CA GLY B 288 2.46 -26.33 -15.50
C GLY B 288 1.84 -24.98 -15.89
N VAL B 289 2.64 -24.17 -16.58
CA VAL B 289 2.36 -22.79 -16.97
C VAL B 289 1.18 -22.73 -17.95
N ASN B 290 0.94 -23.82 -18.69
CA ASN B 290 -0.18 -23.85 -19.62
C ASN B 290 -1.53 -23.78 -18.92
N ASP B 291 -1.61 -24.15 -17.63
CA ASP B 291 -2.90 -23.89 -17.00
C ASP B 291 -3.17 -22.39 -17.03
N ILE B 292 -2.09 -21.61 -17.04
CA ILE B 292 -2.25 -20.17 -16.96
C ILE B 292 -2.39 -19.65 -18.39
N LYS B 293 -1.53 -20.12 -19.30
CA LYS B 293 -1.52 -19.63 -20.67
C LYS B 293 -2.84 -19.94 -21.38
N ASN B 294 -3.52 -21.01 -20.96
CA ASN B 294 -4.75 -21.43 -21.62
C ASN B 294 -6.01 -20.91 -20.91
N HIS B 295 -5.85 -20.21 -19.78
CA HIS B 295 -7.01 -19.77 -19.04
C HIS B 295 -7.85 -18.83 -19.91
N LYS B 296 -9.15 -18.81 -19.67
CA LYS B 296 -10.00 -18.00 -20.51
C LYS B 296 -9.61 -16.53 -20.37
N TRP B 297 -9.02 -16.12 -19.25
CA TRP B 297 -8.74 -14.69 -19.11
C TRP B 297 -7.73 -14.22 -20.16
N PHE B 298 -6.92 -15.17 -20.68
CA PHE B 298 -5.85 -14.89 -21.61
C PHE B 298 -6.22 -15.36 -23.02
N ALA B 299 -7.53 -15.56 -23.26
CA ALA B 299 -7.98 -16.07 -24.55
C ALA B 299 -7.39 -15.28 -25.72
N THR B 300 -7.35 -13.94 -25.61
CA THR B 300 -6.92 -13.08 -26.70
C THR B 300 -5.41 -12.79 -26.69
N THR B 301 -4.63 -13.52 -25.90
CA THR B 301 -3.21 -13.20 -25.83
C THR B 301 -2.46 -14.05 -26.85
N ASP B 302 -1.64 -13.44 -27.73
CA ASP B 302 -0.70 -14.19 -28.56
C ASP B 302 0.64 -14.27 -27.83
N TRP B 303 0.89 -15.42 -27.18
CA TRP B 303 2.08 -15.59 -26.36
C TRP B 303 3.36 -15.42 -27.18
N ILE B 304 3.31 -15.81 -28.45
CA ILE B 304 4.50 -15.69 -29.26
C ILE B 304 4.76 -14.21 -29.56
N ALA B 305 3.70 -13.45 -29.89
CA ALA B 305 3.83 -12.05 -30.26
C ALA B 305 4.31 -11.21 -29.06
N ILE B 306 3.81 -11.52 -27.84
CA ILE B 306 4.36 -10.88 -26.65
C ILE B 306 5.87 -11.15 -26.55
N TYR B 307 6.27 -12.40 -26.65
CA TYR B 307 7.68 -12.72 -26.50
C TYR B 307 8.53 -11.87 -27.44
N GLN B 308 8.02 -11.69 -28.67
CA GLN B 308 8.81 -11.04 -29.70
C GLN B 308 8.67 -9.51 -29.65
N ARG B 309 7.87 -9.01 -28.70
CA ARG B 309 7.61 -7.58 -28.57
C ARG B 309 6.88 -7.06 -29.82
N LYS B 310 5.87 -7.78 -30.28
CA LYS B 310 5.12 -7.42 -31.47
C LYS B 310 3.65 -7.16 -31.14
N VAL B 311 3.41 -6.66 -29.93
CA VAL B 311 2.06 -6.26 -29.56
C VAL B 311 2.16 -4.79 -29.18
N GLU B 312 1.19 -4.00 -29.63
CA GLU B 312 1.16 -2.60 -29.29
C GLU B 312 0.97 -2.46 -27.78
N ALA B 313 1.85 -1.71 -27.12
CA ALA B 313 1.79 -1.57 -25.68
C ALA B 313 0.66 -0.62 -25.33
N PRO B 314 0.05 -0.76 -24.13
CA PRO B 314 -1.00 0.14 -23.65
C PRO B 314 -0.54 1.57 -23.43
N PHE B 315 0.74 1.77 -23.14
CA PHE B 315 1.22 3.09 -22.78
C PHE B 315 2.67 3.24 -23.25
N ILE B 316 3.01 4.39 -23.84
CA ILE B 316 4.36 4.66 -24.29
C ILE B 316 4.86 5.86 -23.48
N PRO B 317 5.92 5.70 -22.67
CA PRO B 317 6.53 6.84 -21.98
C PRO B 317 6.91 7.99 -22.91
N LYS B 318 6.74 9.23 -22.44
CA LYS B 318 7.27 10.41 -23.10
C LYS B 318 8.78 10.26 -23.15
N PHE B 319 9.37 10.44 -24.34
CA PHE B 319 10.81 10.23 -24.50
C PHE B 319 11.34 11.01 -25.71
N LYS B 320 11.74 12.28 -25.49
CA LYS B 320 12.09 13.18 -26.58
C LYS B 320 13.37 12.73 -27.30
N GLY B 321 14.46 12.56 -26.56
CA GLY B 321 15.66 12.06 -27.20
C GLY B 321 16.27 10.93 -26.37
N PRO B 322 17.38 10.30 -26.84
CA PRO B 322 17.98 9.16 -26.15
C PRO B 322 18.47 9.30 -24.71
N GLY B 323 18.76 10.53 -24.25
CA GLY B 323 19.27 10.70 -22.90
C GLY B 323 18.29 11.47 -22.01
N ASP B 324 17.04 11.53 -22.43
CA ASP B 324 15.95 12.17 -21.70
C ASP B 324 15.81 11.50 -20.32
N THR B 325 15.71 12.31 -19.26
CA THR B 325 15.46 11.71 -17.96
C THR B 325 14.17 12.27 -17.37
N SER B 326 13.24 12.67 -18.23
CA SER B 326 12.05 13.38 -17.79
C SER B 326 11.19 12.52 -16.88
N ASN B 327 11.30 11.18 -16.95
CA ASN B 327 10.44 10.33 -16.13
C ASN B 327 11.09 10.07 -14.77
N PHE B 328 12.14 10.83 -14.41
CA PHE B 328 12.76 10.65 -13.11
C PHE B 328 12.73 11.95 -12.28
N ASP B 329 12.60 11.79 -10.97
CA ASP B 329 12.73 12.88 -10.01
C ASP B 329 14.14 13.48 -10.12
N ASP B 330 14.31 14.74 -9.68
CA ASP B 330 15.66 15.28 -9.59
C ASP B 330 16.28 14.84 -8.27
N TYR B 331 17.61 14.65 -8.25
CA TYR B 331 18.32 14.35 -7.01
C TYR B 331 19.55 15.24 -6.88
N GLU B 332 20.05 15.40 -5.65
CA GLU B 332 21.29 16.13 -5.43
C GLU B 332 22.43 15.41 -6.14
N GLU B 333 23.32 16.16 -6.81
CA GLU B 333 24.45 15.57 -7.53
C GLU B 333 25.69 15.55 -6.65
N GLU B 334 26.22 14.34 -6.39
CA GLU B 334 27.43 14.12 -5.63
C GLU B 334 28.56 13.73 -6.60
N GLU B 335 29.73 14.35 -6.47
CA GLU B 335 30.89 13.85 -7.22
C GLU B 335 31.29 12.48 -6.65
N ILE B 336 31.78 11.59 -7.53
CA ILE B 336 32.23 10.25 -7.19
C ILE B 336 33.65 10.36 -6.64
N ARG B 337 33.89 9.88 -5.42
CA ARG B 337 35.26 9.86 -4.93
C ARG B 337 35.71 8.43 -4.63
N VAL B 338 36.76 7.98 -5.33
CA VAL B 338 37.33 6.64 -5.18
C VAL B 338 38.60 6.72 -4.33
N SEP B 339 38.63 5.98 -3.23
CA SEP B 339 39.70 6.07 -2.25
CB SEP B 339 39.36 5.26 -0.99
OG SEP B 339 40.53 5.20 -0.16
C SEP B 339 41.05 5.65 -2.83
O SEP B 339 41.11 4.92 -3.84
P SEP B 339 40.84 6.41 0.87
O1P SEP B 339 39.52 6.99 1.34
O2P SEP B 339 41.67 7.45 0.07
O3P SEP B 339 41.62 5.75 2.00
N ILE B 340 42.13 6.09 -2.17
CA ILE B 340 43.47 5.71 -2.54
C ILE B 340 43.74 4.28 -2.01
N ASN B 341 42.96 3.86 -1.03
CA ASN B 341 43.12 2.55 -0.40
C ASN B 341 41.94 1.63 -0.70
N GLU B 342 42.25 0.36 -1.04
CA GLU B 342 41.25 -0.68 -1.19
C GLU B 342 40.45 -0.86 0.09
N LYS B 343 39.13 -0.93 -0.06
CA LYS B 343 38.23 -1.22 1.03
C LYS B 343 37.52 -2.55 0.75
N CYS B 344 37.53 -3.45 1.75
CA CYS B 344 36.72 -4.66 1.77
C CYS B 344 37.07 -5.60 0.60
N GLY B 345 38.34 -5.84 0.33
CA GLY B 345 38.71 -6.63 -0.84
C GLY B 345 38.21 -8.07 -0.76
N LYS B 346 38.29 -8.66 0.44
CA LYS B 346 38.00 -10.08 0.64
C LYS B 346 36.50 -10.32 0.49
N GLU B 347 35.69 -9.46 1.09
CA GLU B 347 34.26 -9.64 0.96
C GLU B 347 33.83 -9.61 -0.51
N PHE B 348 34.53 -8.86 -1.37
CA PHE B 348 33.98 -8.69 -2.70
C PHE B 348 34.85 -9.34 -3.77
N SER B 349 35.71 -10.27 -3.33
CA SER B 349 36.63 -11.00 -4.20
C SER B 349 35.94 -11.53 -5.44
N GLU B 350 34.73 -12.07 -5.26
CA GLU B 350 34.04 -12.87 -6.28
C GLU B 350 33.38 -11.98 -7.34
N PHE B 351 33.18 -10.69 -7.03
CA PHE B 351 32.55 -9.70 -7.90
C PHE B 351 33.49 -9.33 -9.06
O1 I5G C . -16.96 0.30 10.68
C20 I5G C . -16.71 0.03 9.49
C21 I5G C . -17.70 0.37 8.43
C23 I5G C . -17.76 -0.13 7.09
O2 I5G C . -16.88 -1.10 6.66
C22 I5G C . -16.94 -1.68 5.36
C6 I5G C . -18.78 0.36 6.23
C2 I5G C . -19.64 1.35 6.71
C7 I5G C . -18.58 1.36 8.86
C4 I5G C . -19.54 1.84 7.99
C5 I5G C . -20.42 2.82 8.42
C3 I5G C . -21.37 3.30 7.52
N1 I5G C . -21.47 2.84 6.27
C1 I5G C . -20.62 1.91 5.89
CL1 I5G C . -20.75 1.37 4.27
N4 I5G C . -15.53 -0.45 9.11
C19 I5G C . -14.46 -0.74 10.03
C8 I5G C . -13.07 -0.52 9.35
N2 I5G C . -12.79 0.89 9.01
C10 I5G C . -12.02 0.96 7.78
C11 I5G C . -11.71 -0.47 7.39
O3 I5G C . -10.43 -0.80 7.91
C9 I5G C . -12.82 -1.30 8.05
C12 I5G C . -14.42 -2.13 10.58
C14 I5G C . -13.78 -2.32 11.81
C15 I5G C . -13.66 -3.60 12.35
C17 I5G C . -14.18 -4.68 11.65
C16 I5G C . -14.04 -6.00 12.26
N3 I5G C . -13.95 -7.08 12.68
C18 I5G C . -14.79 -4.48 10.39
CL2 I5G C . -15.44 -5.77 9.44
C13 I5G C . -14.91 -3.21 9.85
O1 I5G D . 18.84 -0.89 -9.50
C20 I5G D . 17.93 -0.11 -9.72
C21 I5G D . 17.77 0.58 -11.04
C23 I5G D . 17.33 1.93 -11.19
O2 I5G D . 17.08 2.72 -10.06
C22 I5G D . 16.70 4.10 -10.14
C6 I5G D . 17.18 2.43 -12.52
C2 I5G D . 17.49 1.60 -13.64
C7 I5G D . 18.06 -0.24 -12.17
C4 I5G D . 17.93 0.27 -13.47
C5 I5G D . 18.18 -0.50 -14.61
C3 I5G D . 18.00 0.07 -15.89
N1 I5G D . 17.61 1.33 -16.08
C1 I5G D . 17.36 2.07 -14.96
CL1 I5G D . 16.79 3.71 -15.15
N4 I5G D . 16.98 0.11 -8.82
C19 I5G D . 17.01 -0.58 -7.54
C8 I5G D . 15.63 -0.60 -6.85
N2 I5G D . 14.64 -1.30 -7.65
C10 I5G D . 13.35 -1.02 -7.02
C11 I5G D . 13.52 0.28 -6.26
O3 I5G D . 13.44 -0.14 -4.92
C9 I5G D . 14.95 0.74 -6.60
C12 I5G D . 17.99 -0.05 -6.54
C14 I5G D . 18.37 -0.90 -5.49
C15 I5G D . 19.25 -0.48 -4.50
C17 I5G D . 19.74 0.84 -4.56
C16 I5G D . 20.66 1.29 -3.51
N3 I5G D . 21.38 1.62 -2.66
C18 I5G D . 19.32 1.68 -5.62
CL2 I5G D . 19.86 3.29 -5.75
C13 I5G D . 18.44 1.26 -6.62
ZN ZN E . 39.65 4.14 -20.63
#